data_9GKZ
#
_entry.id   9GKZ
#
_cell.length_a   147.342
_cell.length_b   48.858
_cell.length_c   82.249
_cell.angle_alpha   90.00
_cell.angle_beta   90.00
_cell.angle_gamma   90.00
#
_symmetry.space_group_name_H-M   'P 21 21 2'
#
loop_
_entity.id
_entity.type
_entity.pdbx_description
1 polymer 'Acetylpolyamine amidohydrolase'
2 non-polymer 'TRIETHYLENE GLYCOL'
3 non-polymer 'POTASSIUM ION'
4 non-polymer 'ZINC ION'
5 non-polymer 'CHLORIDE ION'
6 non-polymer 'ACETATE ION'
7 non-polymer DI(HYDROXYETHYL)ETHER
8 water water
#
_entity_poly.entity_id   1
_entity_poly.type   'polypeptide(L)'
_entity_poly.pdbx_seq_one_letter_code
;MAHHHHHHVGTMLTIYSDDHHLHHGSCELIDGKLMPCFEMPKRADHILQRVKDRNIGEIREPQDFGRDPIQRIHTAEYLN
FFEGAWARWQEQDGTGDLLPYTWPARTLSQRLPTSLHGQLGYYSFDAGAPITAGTWQAAYSAAQVALTAQHEITNGAHSA
FALCRPPGHHAASDVMGGYCYLNNAAIAAQAFIDQGHKRVAILDVDYHHGNGTQSIFYSRSDVLFTSIHGDPKFEFPFFL
GHADEHGEGTGEGFNINYPLPAGSAWDSWGAALDDACKRINAFDAEVVIVSLGVDTYKEDPISQFKLDSPDYLSMGERIA
AMGLPTLFVMEGGYAVEAIGVNAVNVLEGFENV
;
_entity_poly.pdbx_strand_id   A,B
#
loop_
_chem_comp.id
_chem_comp.type
_chem_comp.name
_chem_comp.formula
ACT non-polymer 'ACETATE ION' 'C2 H3 O2 -1'
CL non-polymer 'CHLORIDE ION' 'Cl -1'
K non-polymer 'POTASSIUM ION' 'K 1'
PEG non-polymer DI(HYDROXYETHYL)ETHER 'C4 H10 O3'
PGE non-polymer 'TRIETHYLENE GLYCOL' 'C6 H14 O4'
ZN non-polymer 'ZINC ION' 'Zn 2'
#
# COMPACT_ATOMS: atom_id res chain seq x y z
N VAL A 9 -27.38 26.49 27.41
CA VAL A 9 -26.07 26.32 28.05
C VAL A 9 -24.94 26.96 27.19
N GLY A 10 -24.13 27.85 27.78
CA GLY A 10 -22.96 28.44 27.13
C GLY A 10 -21.69 27.85 27.72
N THR A 11 -21.67 26.53 27.82
CA THR A 11 -20.80 25.81 28.73
C THR A 11 -19.67 25.06 28.04
N MET A 12 -19.85 24.62 26.81
CA MET A 12 -18.79 23.89 26.14
C MET A 12 -17.72 24.86 25.64
N LEU A 13 -16.46 24.50 25.86
CA LEU A 13 -15.31 25.32 25.50
C LEU A 13 -14.71 24.78 24.21
N THR A 14 -14.41 25.66 23.26
CA THR A 14 -13.75 25.29 22.00
C THR A 14 -12.27 25.61 22.07
N ILE A 15 -11.43 24.71 21.56
CA ILE A 15 -9.99 24.92 21.49
C ILE A 15 -9.57 24.97 20.03
N TYR A 16 -8.81 26.00 19.66
CA TYR A 16 -8.42 26.29 18.28
C TYR A 16 -7.02 26.89 18.23
N SER A 17 -6.24 26.49 17.23
CA SER A 17 -4.97 27.17 16.91
C SER A 17 -5.12 28.09 15.71
N LYS A 42 -10.12 28.91 5.94
CA LYS A 42 -11.40 28.99 5.24
C LYS A 42 -12.45 28.15 5.97
N ARG A 43 -12.01 26.99 6.44
CA ARG A 43 -12.92 25.96 6.91
C ARG A 43 -13.20 26.09 8.41
N ALA A 44 -12.14 26.26 9.21
CA ALA A 44 -12.28 26.65 10.60
C ALA A 44 -12.89 28.02 10.74
N ASP A 45 -12.92 28.80 9.67
CA ASP A 45 -13.67 30.04 9.67
C ASP A 45 -15.15 29.78 9.94
N HIS A 46 -15.78 28.94 9.12
CA HIS A 46 -17.22 28.70 9.24
C HIS A 46 -17.56 28.04 10.56
N ILE A 47 -16.73 27.12 11.02
CA ILE A 47 -16.97 26.47 12.30
C ILE A 47 -16.87 27.49 13.43
N LEU A 48 -15.73 28.19 13.51
CA LEU A 48 -15.54 29.11 14.63
C LEU A 48 -16.59 30.23 14.63
N GLN A 49 -16.92 30.75 13.45
CA GLN A 49 -17.97 31.77 13.34
C GLN A 49 -19.29 31.26 13.93
N ARG A 50 -19.68 30.04 13.57
CA ARG A 50 -20.92 29.48 14.08
C ARG A 50 -20.84 29.18 15.58
N VAL A 51 -19.64 28.92 16.12
CA VAL A 51 -19.48 28.70 17.56
C VAL A 51 -19.81 29.98 18.35
N LYS A 52 -19.27 31.13 17.93
CA LYS A 52 -19.68 32.39 18.52
C LYS A 52 -21.17 32.67 18.27
N ASP A 53 -21.59 32.64 17.00
CA ASP A 53 -22.95 32.96 16.61
C ASP A 53 -24.00 32.18 17.41
N ARG A 54 -23.75 30.89 17.63
CA ARG A 54 -24.71 30.09 18.38
C ARG A 54 -24.34 29.97 19.85
N ASN A 55 -23.30 30.70 20.29
CA ASN A 55 -23.01 30.87 21.71
C ASN A 55 -22.73 29.51 22.39
N ILE A 56 -22.05 28.62 21.66
CA ILE A 56 -21.60 27.34 22.22
C ILE A 56 -20.77 27.59 23.47
N GLY A 57 -19.78 28.47 23.36
CA GLY A 57 -18.93 28.79 24.48
C GLY A 57 -17.76 29.64 24.04
N GLU A 58 -16.77 29.75 24.91
CA GLU A 58 -15.62 30.57 24.58
C GLU A 58 -14.63 29.78 23.75
N ILE A 59 -13.81 30.50 23.01
CA ILE A 59 -12.71 29.94 22.23
C ILE A 59 -11.41 30.26 22.95
N ARG A 60 -10.51 29.28 23.04
CA ARG A 60 -9.16 29.49 23.56
C ARG A 60 -8.15 28.75 22.69
N GLU A 61 -6.93 29.28 22.65
CA GLU A 61 -5.83 28.60 21.97
C GLU A 61 -5.30 27.48 22.87
N PRO A 62 -4.52 26.54 22.32
CA PRO A 62 -4.08 25.38 23.12
C PRO A 62 -2.90 25.68 24.03
N GLN A 63 -2.64 24.74 24.92
CA GLN A 63 -1.40 24.69 25.67
C GLN A 63 -0.57 23.50 25.19
N ASP A 64 0.71 23.52 25.54
CA ASP A 64 1.65 22.51 25.09
C ASP A 64 1.93 21.52 26.23
N PHE A 65 1.37 20.31 26.12
CA PHE A 65 1.56 19.21 27.05
C PHE A 65 2.69 18.30 26.64
N GLY A 66 3.48 18.67 25.65
CA GLY A 66 4.64 17.89 25.27
C GLY A 66 4.37 16.72 24.34
N ARG A 67 5.42 15.93 24.14
CA ARG A 67 5.36 14.79 23.25
C ARG A 67 4.95 13.52 23.97
N ASP A 68 5.11 13.47 25.29
CA ASP A 68 4.80 12.25 26.03
C ASP A 68 3.38 11.75 25.78
N PRO A 69 2.32 12.57 25.93
CA PRO A 69 0.98 12.04 25.70
C PRO A 69 0.76 11.51 24.30
N ILE A 70 1.36 12.14 23.27
CA ILE A 70 1.27 11.60 21.92
C ILE A 70 1.94 10.24 21.84
N GLN A 71 3.09 10.11 22.52
CA GLN A 71 3.83 8.85 22.54
C GLN A 71 3.19 7.79 23.42
N ARG A 72 2.18 8.16 24.22
CA ARG A 72 1.35 7.15 24.84
C ARG A 72 0.53 6.36 23.80
N ILE A 73 0.43 6.84 22.56
CA ILE A 73 -0.32 6.19 21.50
C ILE A 73 0.57 5.80 20.31
N HIS A 74 1.48 6.68 19.92
CA HIS A 74 2.29 6.48 18.72
C HIS A 74 3.69 6.05 19.13
N THR A 75 4.25 5.10 18.40
CA THR A 75 5.55 4.57 18.79
C THR A 75 6.63 5.63 18.61
N ALA A 76 7.70 5.48 19.40
CA ALA A 76 8.80 6.44 19.34
C ALA A 76 9.45 6.46 17.96
N GLU A 77 9.60 5.29 17.34
CA GLU A 77 10.13 5.23 15.98
C GLU A 77 9.27 6.04 15.03
N TYR A 78 7.95 5.87 15.10
CA TYR A 78 7.06 6.56 14.18
C TYR A 78 7.15 8.07 14.37
N LEU A 79 7.14 8.53 15.63
CA LEU A 79 7.23 9.96 15.93
C LEU A 79 8.58 10.52 15.51
N ASN A 80 9.65 9.77 15.75
CA ASN A 80 10.98 10.17 15.29
C ASN A 80 11.05 10.23 13.77
N PHE A 81 10.57 9.19 13.10
CA PHE A 81 10.53 9.24 11.64
C PHE A 81 9.78 10.47 11.17
N PHE A 82 8.63 10.73 11.78
CA PHE A 82 7.78 11.82 11.37
C PHE A 82 8.46 13.17 11.59
N GLU A 83 9.26 13.29 12.67
CA GLU A 83 9.90 14.57 13.00
C GLU A 83 10.95 14.93 11.96
N GLY A 84 11.68 13.94 11.45
CA GLY A 84 12.81 14.18 10.57
C GLY A 84 12.56 13.82 9.14
N ALA A 85 11.33 13.42 8.76
CA ALA A 85 11.09 12.92 7.42
C ALA A 85 11.19 14.04 6.38
N TRP A 86 10.67 15.23 6.67
CA TRP A 86 10.79 16.32 5.72
C TRP A 86 12.21 16.87 5.66
N ALA A 87 12.90 16.96 6.80
CA ALA A 87 14.29 17.41 6.78
C ALA A 87 15.15 16.48 5.92
N ARG A 88 14.94 15.16 6.07
CA ARG A 88 15.64 14.17 5.24
C ARG A 88 15.32 14.36 3.76
N TRP A 89 14.08 14.77 3.46
CA TRP A 89 13.62 14.94 2.07
C TRP A 89 14.20 16.20 1.45
N GLN A 90 14.46 17.23 2.26
CA GLN A 90 15.20 18.38 1.78
C GLN A 90 16.70 18.10 1.65
N GLU A 91 17.24 17.14 2.41
CA GLU A 91 18.63 16.75 2.22
C GLU A 91 18.89 16.12 0.85
N GLN A 92 17.86 15.70 0.13
CA GLN A 92 18.03 15.14 -1.21
C GLN A 92 17.50 16.08 -2.30
N ASP A 93 17.35 17.36 -1.99
CA ASP A 93 16.76 18.35 -2.91
C ASP A 93 15.42 17.85 -3.44
N GLY A 94 14.67 17.17 -2.57
CA GLY A 94 13.38 16.66 -2.95
C GLY A 94 12.42 17.81 -3.16
N THR A 95 11.76 17.84 -4.32
CA THR A 95 10.83 18.91 -4.63
C THR A 95 9.39 18.41 -4.57
N GLY A 96 8.54 19.24 -3.95
CA GLY A 96 7.17 18.86 -3.70
C GLY A 96 7.00 18.06 -2.43
N ASP A 97 5.74 17.67 -2.19
CA ASP A 97 5.38 16.83 -1.06
C ASP A 97 6.25 15.57 -0.98
N LEU A 98 6.54 15.16 0.24
CA LEU A 98 7.07 13.84 0.48
C LEU A 98 5.90 12.85 0.50
N LEU A 99 5.99 11.79 -0.29
CA LEU A 99 4.89 10.86 -0.51
C LEU A 99 5.42 9.45 -0.72
N PRO A 100 4.70 8.44 -0.24
CA PRO A 100 5.07 7.05 -0.51
C PRO A 100 4.53 6.56 -1.84
N TYR A 101 5.31 5.69 -2.49
CA TYR A 101 4.88 5.14 -3.76
C TYR A 101 4.91 3.62 -3.77
N THR A 102 5.12 2.99 -2.61
CA THR A 102 5.11 1.54 -2.45
C THR A 102 4.64 1.24 -1.03
N TRP A 103 3.88 0.16 -0.84
CA TRP A 103 3.39 -0.20 0.48
C TRP A 103 3.61 -1.69 0.76
N PRO A 104 3.71 -2.09 2.05
CA PRO A 104 3.87 -3.54 2.33
C PRO A 104 2.52 -4.25 2.33
N ALA A 105 2.04 -4.53 1.13
CA ALA A 105 0.70 -5.07 0.98
C ALA A 105 0.80 -6.59 0.92
N ARG A 106 -0.18 -7.26 0.34
CA ARG A 106 -0.20 -8.72 0.36
C ARG A 106 0.99 -9.29 -0.40
N THR A 107 1.52 -10.40 0.13
CA THR A 107 2.66 -11.19 -0.34
C THR A 107 4.00 -10.58 0.07
N LEU A 108 4.01 -9.43 0.70
CA LEU A 108 5.26 -8.79 1.06
C LEU A 108 5.45 -8.89 2.57
N SER A 109 6.70 -8.71 2.98
CA SER A 109 7.04 -8.78 4.38
C SER A 109 6.87 -7.39 4.98
N GLN A 110 6.32 -7.37 6.19
CA GLN A 110 6.02 -6.10 6.87
C GLN A 110 7.23 -5.66 7.69
N ARG A 111 8.32 -5.37 6.97
CA ARG A 111 9.64 -5.20 7.56
C ARG A 111 10.15 -3.81 7.24
N LEU A 112 10.74 -3.15 8.24
CA LEU A 112 11.09 -1.73 8.13
C LEU A 112 12.36 -1.52 7.32
N PRO A 113 12.29 -0.84 6.16
CA PRO A 113 13.50 -0.44 5.44
C PRO A 113 14.20 0.74 6.12
N THR A 114 15.26 1.27 5.50
CA THR A 114 16.01 2.40 6.03
C THR A 114 16.00 3.63 5.14
N SER A 115 15.82 3.47 3.82
CA SER A 115 15.63 4.61 2.93
C SER A 115 14.35 5.36 3.31
N LEU A 116 14.32 6.65 2.97
CA LEU A 116 13.26 7.50 3.48
C LEU A 116 11.90 7.14 2.86
N HIS A 117 11.87 6.83 1.57
CA HIS A 117 10.60 6.48 0.97
C HIS A 117 10.18 5.06 1.37
N GLY A 118 11.16 4.15 1.48
CA GLY A 118 10.88 2.81 1.99
C GLY A 118 10.22 2.83 3.36
N GLN A 119 10.71 3.70 4.25
CA GLN A 119 10.08 3.81 5.55
C GLN A 119 8.73 4.51 5.47
N LEU A 120 8.61 5.53 4.61
CA LEU A 120 7.34 6.23 4.47
C LEU A 120 6.23 5.25 4.07
N GLY A 121 6.53 4.29 3.20
CA GLY A 121 5.56 3.26 2.91
C GLY A 121 5.26 2.39 4.12
N TYR A 122 6.31 1.90 4.78
CA TYR A 122 6.13 1.14 6.00
C TYR A 122 5.14 1.81 6.96
N TYR A 123 5.25 3.14 7.10
CA TYR A 123 4.45 3.90 8.07
C TYR A 123 3.18 4.47 7.47
N SER A 124 2.75 3.99 6.31
CA SER A 124 1.58 4.53 5.64
C SER A 124 0.77 3.40 5.03
N PHE A 125 -0.46 3.72 4.60
CA PHE A 125 -1.32 2.77 3.91
C PHE A 125 -2.02 3.35 2.69
N ASP A 126 -1.70 4.59 2.29
CA ASP A 126 -2.18 5.18 1.05
C ASP A 126 -1.27 6.37 0.75
N ALA A 127 -1.55 7.08 -0.35
CA ALA A 127 -0.81 8.30 -0.67
C ALA A 127 -1.55 9.55 -0.22
N GLY A 128 -2.47 9.42 0.73
CA GLY A 128 -3.28 10.50 1.23
C GLY A 128 -2.69 11.31 2.37
N ALA A 129 -1.54 10.93 2.90
CA ALA A 129 -0.97 11.72 3.98
C ALA A 129 0.34 12.37 3.50
N PRO A 130 0.26 13.38 2.63
CA PRO A 130 1.48 13.99 2.14
C PRO A 130 2.20 14.75 3.25
N ILE A 131 3.52 14.68 3.24
CA ILE A 131 4.37 15.35 4.21
C ILE A 131 4.98 16.58 3.51
N THR A 132 4.79 17.75 4.11
CA THR A 132 5.41 18.97 3.61
C THR A 132 6.16 19.63 4.75
N ALA A 133 6.53 20.90 4.54
CA ALA A 133 7.44 21.59 5.44
C ALA A 133 6.82 21.80 6.82
N GLY A 134 5.53 22.09 6.89
CA GLY A 134 4.84 22.29 8.15
C GLY A 134 3.96 21.15 8.65
N THR A 135 4.00 19.98 8.01
CA THR A 135 3.10 18.90 8.41
C THR A 135 3.32 18.48 9.85
N TRP A 136 4.58 18.32 10.29
CA TRP A 136 4.80 17.86 11.67
C TRP A 136 4.28 18.87 12.68
N GLN A 137 4.72 20.13 12.56
CA GLN A 137 4.19 21.14 13.47
C GLN A 137 2.67 21.14 13.44
N ALA A 138 2.09 21.07 12.26
CA ALA A 138 0.64 21.12 12.15
C ALA A 138 0.01 19.94 12.86
N ALA A 139 0.60 18.76 12.69
CA ALA A 139 0.06 17.55 13.32
C ALA A 139 0.26 17.57 14.83
N TYR A 140 1.45 17.99 15.26
CA TYR A 140 1.72 18.13 16.69
C TYR A 140 0.72 19.08 17.35
N SER A 141 0.47 20.21 16.69
CA SER A 141 -0.44 21.22 17.22
C SER A 141 -1.85 20.68 17.41
N ALA A 142 -2.35 19.89 16.45
CA ALA A 142 -3.71 19.36 16.55
C ALA A 142 -3.87 18.45 17.76
N ALA A 143 -2.86 17.60 18.01
CA ALA A 143 -2.87 16.74 19.18
C ALA A 143 -2.92 17.56 20.48
N GLN A 144 -2.28 18.75 20.49
CA GLN A 144 -2.33 19.61 21.68
C GLN A 144 -3.71 20.21 21.88
N VAL A 145 -4.33 20.68 20.80
CA VAL A 145 -5.71 21.13 20.83
C VAL A 145 -6.61 20.05 21.45
N ALA A 146 -6.44 18.81 20.97
CA ALA A 146 -7.19 17.70 21.55
C ALA A 146 -6.87 17.54 23.03
N LEU A 147 -5.57 17.61 23.37
CA LEU A 147 -5.16 17.39 24.76
C LEU A 147 -5.61 18.54 25.65
N THR A 148 -5.51 19.77 25.16
CA THR A 148 -6.07 20.90 25.90
C THR A 148 -7.54 20.65 26.22
N ALA A 149 -8.36 20.48 25.17
CA ALA A 149 -9.78 20.25 25.37
C ALA A 149 -10.04 19.06 26.27
N GLN A 150 -9.20 18.03 26.16
CA GLN A 150 -9.24 16.91 27.08
C GLN A 150 -9.06 17.38 28.52
N HIS A 151 -8.10 18.26 28.75
CA HIS A 151 -7.79 18.66 30.12
C HIS A 151 -8.87 19.54 30.72
N GLU A 152 -9.63 20.27 29.88
CA GLU A 152 -10.81 20.97 30.32
C GLU A 152 -11.80 20.05 31.03
N ILE A 153 -12.03 18.86 30.47
CA ILE A 153 -12.99 17.94 31.08
C ILE A 153 -12.42 17.40 32.39
N THR A 154 -11.10 17.14 32.42
CA THR A 154 -10.48 16.68 33.66
C THR A 154 -10.56 17.73 34.75
N ASN A 155 -10.45 19.00 34.38
CA ASN A 155 -10.54 20.10 35.33
C ASN A 155 -11.99 20.52 35.62
N GLY A 156 -12.96 19.65 35.38
CA GLY A 156 -14.32 19.87 35.82
C GLY A 156 -15.34 20.04 34.72
N ALA A 157 -14.94 20.41 33.51
CA ALA A 157 -15.93 20.70 32.49
C ALA A 157 -16.63 19.42 32.06
N HIS A 158 -17.88 19.57 31.64
CA HIS A 158 -18.66 18.43 31.21
C HIS A 158 -18.45 18.11 29.74
N SER A 159 -18.03 19.09 28.94
CA SER A 159 -17.79 18.86 27.52
C SER A 159 -16.80 19.88 27.00
N ALA A 160 -16.18 19.53 25.89
CA ALA A 160 -15.28 20.44 25.20
C ALA A 160 -15.33 20.15 23.71
N PHE A 161 -14.75 21.05 22.93
CA PHE A 161 -14.67 20.88 21.48
C PHE A 161 -13.22 21.10 21.04
N ALA A 162 -12.55 20.03 20.64
CA ALA A 162 -11.22 20.10 20.03
C ALA A 162 -11.37 20.27 18.53
N LEU A 163 -11.20 21.50 18.04
CA LEU A 163 -11.26 21.79 16.61
C LEU A 163 -9.91 21.47 15.95
N CYS A 164 -9.71 20.19 15.65
CA CYS A 164 -8.43 19.67 15.16
C CYS A 164 -8.38 19.68 13.64
N ARG A 165 -7.27 20.18 13.10
CA ARG A 165 -6.88 20.03 11.70
C ARG A 165 -5.35 19.89 11.76
N PRO A 166 -4.78 18.83 11.17
CA PRO A 166 -5.42 17.72 10.45
C PRO A 166 -6.26 16.78 11.31
N PRO A 167 -7.20 16.05 10.70
CA PRO A 167 -7.93 15.02 11.45
C PRO A 167 -6.99 13.88 11.82
N GLY A 168 -7.51 12.93 12.61
CA GLY A 168 -6.65 11.88 13.16
C GLY A 168 -7.13 10.44 13.07
N HIS A 169 -8.43 10.21 12.87
CA HIS A 169 -8.99 8.87 13.10
C HIS A 169 -8.57 7.81 12.08
N HIS A 170 -7.93 8.19 10.96
CA HIS A 170 -7.35 7.18 10.07
C HIS A 170 -5.92 6.80 10.43
N ALA A 171 -5.31 7.49 11.40
CA ALA A 171 -3.94 7.19 11.81
C ALA A 171 -3.93 6.10 12.88
N ALA A 172 -3.10 5.08 12.66
CA ALA A 172 -2.92 4.03 13.66
C ALA A 172 -1.70 4.38 14.50
N SER A 173 -1.21 3.42 15.29
CA SER A 173 -0.08 3.69 16.19
C SER A 173 1.18 4.06 15.41
N ASP A 174 1.43 3.41 14.26
CA ASP A 174 2.55 3.80 13.42
C ASP A 174 2.22 3.65 11.95
N VAL A 175 1.00 4.02 11.58
CA VAL A 175 0.57 4.10 10.18
C VAL A 175 -0.19 5.40 9.99
N MET A 176 0.21 6.20 9.02
CA MET A 176 -0.52 7.41 8.66
C MET A 176 -1.30 7.20 7.37
N GLY A 177 -2.32 8.04 7.19
CA GLY A 177 -3.10 7.96 5.98
C GLY A 177 -4.38 8.75 6.04
N GLY A 178 -4.98 9.02 4.87
CA GLY A 178 -6.22 9.76 4.78
C GLY A 178 -6.21 11.12 5.48
N TYR A 179 -5.18 11.92 5.21
CA TYR A 179 -4.94 13.21 5.87
C TYR A 179 -4.87 13.08 7.40
N CYS A 180 -4.54 11.92 7.93
CA CYS A 180 -4.38 11.71 9.36
C CYS A 180 -2.93 11.33 9.66
N TYR A 181 -2.30 12.10 10.54
CA TYR A 181 -0.91 11.86 10.94
C TYR A 181 -0.78 11.38 12.37
N LEU A 182 -1.49 12.00 13.31
CA LEU A 182 -1.59 11.56 14.70
C LEU A 182 -3.06 11.39 15.06
N ASN A 183 -3.36 10.40 15.87
CA ASN A 183 -4.75 10.12 16.22
C ASN A 183 -5.17 10.93 17.44
N ASN A 184 -5.63 12.16 17.18
CA ASN A 184 -6.05 13.08 18.23
C ASN A 184 -7.07 12.46 19.20
N ALA A 185 -8.17 11.90 18.66
CA ALA A 185 -9.18 11.26 19.50
C ALA A 185 -8.60 10.13 20.34
N ALA A 186 -7.67 9.35 19.78
CA ALA A 186 -7.11 8.25 20.57
C ALA A 186 -6.15 8.79 21.61
N ILE A 187 -5.45 9.89 21.30
CA ILE A 187 -4.54 10.50 22.24
C ILE A 187 -5.31 11.11 23.41
N ALA A 188 -6.43 11.76 23.12
CA ALA A 188 -7.28 12.30 24.18
C ALA A 188 -7.89 11.18 25.02
N ALA A 189 -8.33 10.09 24.39
CA ALA A 189 -8.88 8.97 25.13
C ALA A 189 -7.83 8.36 26.04
N GLN A 190 -6.63 8.10 25.49
CA GLN A 190 -5.57 7.56 26.33
C GLN A 190 -5.24 8.49 27.51
N ALA A 191 -5.33 9.81 27.28
CA ALA A 191 -5.13 10.75 28.38
C ALA A 191 -6.11 10.50 29.51
N PHE A 192 -7.38 10.29 29.18
CA PHE A 192 -8.41 10.03 30.21
C PHE A 192 -8.11 8.78 31.04
N ILE A 193 -7.57 7.72 30.40
CA ILE A 193 -7.22 6.49 31.11
C ILE A 193 -6.00 6.71 32.02
N ASP A 194 -4.98 7.41 31.50
CA ASP A 194 -3.78 7.70 32.27
C ASP A 194 -4.07 8.61 33.45
N GLN A 195 -5.18 9.34 33.40
CA GLN A 195 -5.60 10.25 34.45
C GLN A 195 -6.58 9.60 35.45
N GLY A 196 -6.78 8.28 35.38
CA GLY A 196 -7.52 7.58 36.42
C GLY A 196 -8.87 7.05 36.04
N HIS A 197 -9.31 7.20 34.80
CA HIS A 197 -10.58 6.65 34.41
C HIS A 197 -10.43 5.17 34.09
N LYS A 198 -11.27 4.34 34.71
CA LYS A 198 -11.25 2.91 34.45
C LYS A 198 -11.58 2.60 32.98
N ARG A 199 -12.69 3.16 32.48
CA ARG A 199 -13.17 2.88 31.12
C ARG A 199 -13.57 4.17 30.42
N VAL A 200 -13.34 4.24 29.10
CA VAL A 200 -13.84 5.31 28.25
C VAL A 200 -14.24 4.69 26.91
N ALA A 201 -14.88 5.51 26.08
CA ALA A 201 -15.48 5.03 24.84
C ALA A 201 -15.34 6.07 23.73
N ILE A 202 -14.97 5.61 22.54
CA ILE A 202 -14.92 6.46 21.37
C ILE A 202 -16.12 6.16 20.47
N LEU A 203 -16.86 7.20 20.11
CA LEU A 203 -17.95 7.12 19.13
C LEU A 203 -17.56 7.95 17.92
N ASP A 204 -17.48 7.30 16.79
CA ASP A 204 -16.91 7.88 15.57
C ASP A 204 -18.03 8.08 14.55
N VAL A 205 -18.54 9.30 14.47
CA VAL A 205 -19.66 9.64 13.60
C VAL A 205 -19.20 10.12 12.24
N ASP A 206 -17.89 10.16 11.98
CA ASP A 206 -17.36 10.47 10.66
C ASP A 206 -17.93 9.53 9.60
N TYR A 207 -18.06 10.04 8.37
CA TYR A 207 -18.53 9.19 7.28
C TYR A 207 -17.62 7.98 7.04
N HIS A 208 -16.35 8.08 7.44
CA HIS A 208 -15.36 7.06 7.11
C HIS A 208 -15.02 6.26 8.36
N HIS A 209 -14.55 5.03 8.15
CA HIS A 209 -14.12 4.21 9.29
C HIS A 209 -12.95 4.86 10.01
N GLY A 210 -12.98 4.78 11.35
CA GLY A 210 -11.82 5.12 12.15
C GLY A 210 -10.84 3.95 12.25
N ASN A 211 -10.31 3.51 11.11
CA ASN A 211 -9.46 2.32 11.08
C ASN A 211 -8.25 2.45 12.02
N GLY A 212 -7.67 3.65 12.12
CA GLY A 212 -6.58 3.84 13.05
C GLY A 212 -7.01 3.74 14.50
N THR A 213 -8.11 4.40 14.85
CA THR A 213 -8.61 4.33 16.22
C THR A 213 -8.98 2.90 16.59
N GLN A 214 -9.67 2.18 15.70
CA GLN A 214 -9.93 0.75 15.88
C GLN A 214 -8.63 -0.04 16.10
N SER A 215 -7.65 0.13 15.22
CA SER A 215 -6.41 -0.63 15.32
C SER A 215 -5.67 -0.35 16.65
N ILE A 216 -5.74 0.89 17.13
CA ILE A 216 -5.00 1.31 18.33
C ILE A 216 -5.54 0.59 19.58
N PHE A 217 -6.86 0.45 19.69
CA PHE A 217 -7.48 -0.16 20.87
C PHE A 217 -8.02 -1.56 20.62
N TYR A 218 -7.64 -2.20 19.50
CA TYR A 218 -8.34 -3.39 19.05
C TYR A 218 -8.27 -4.53 20.07
N SER A 219 -7.23 -4.56 20.89
CA SER A 219 -7.02 -5.65 21.83
C SER A 219 -7.12 -5.19 23.27
N ARG A 220 -7.82 -4.10 23.52
CA ARG A 220 -8.00 -3.57 24.87
C ARG A 220 -9.47 -3.54 25.23
N SER A 221 -9.76 -3.64 26.52
CA SER A 221 -11.14 -3.58 26.99
C SER A 221 -11.43 -2.36 27.84
N ASP A 222 -10.45 -1.49 28.07
CA ASP A 222 -10.70 -0.23 28.77
C ASP A 222 -11.14 0.90 27.85
N VAL A 223 -11.10 0.70 26.53
CA VAL A 223 -11.59 1.67 25.56
C VAL A 223 -12.49 0.93 24.58
N LEU A 224 -13.74 1.29 24.55
CA LEU A 224 -14.68 0.76 23.56
C LEU A 224 -14.67 1.67 22.34
N PHE A 225 -14.66 1.07 21.15
CA PHE A 225 -14.67 1.81 19.89
C PHE A 225 -15.94 1.47 19.12
N THR A 226 -16.77 2.48 18.88
CA THR A 226 -17.93 2.36 18.01
C THR A 226 -17.73 3.31 16.83
N SER A 227 -18.26 2.92 15.67
CA SER A 227 -18.07 3.68 14.45
C SER A 227 -19.26 3.45 13.53
N ILE A 228 -19.77 4.53 12.94
CA ILE A 228 -20.77 4.45 11.89
C ILE A 228 -20.11 5.04 10.65
N HIS A 229 -19.97 4.24 9.61
CA HIS A 229 -19.23 4.67 8.44
C HIS A 229 -19.93 4.14 7.19
N GLY A 230 -19.46 4.57 6.02
CA GLY A 230 -19.80 3.87 4.80
C GLY A 230 -19.14 2.49 4.81
N ASP A 231 -19.91 1.48 4.38
CA ASP A 231 -19.47 0.08 4.34
C ASP A 231 -18.13 -0.02 3.60
N PRO A 232 -17.07 -0.51 4.24
CA PRO A 232 -15.78 -0.65 3.54
C PRO A 232 -15.84 -1.56 2.31
N LYS A 233 -16.93 -2.31 2.11
CA LYS A 233 -17.12 -3.04 0.85
C LYS A 233 -17.00 -2.12 -0.37
N PHE A 234 -17.53 -0.89 -0.26
CA PHE A 234 -17.48 0.07 -1.34
C PHE A 234 -16.72 1.34 -0.99
N GLU A 235 -16.47 1.60 0.29
CA GLU A 235 -16.02 2.90 0.77
C GLU A 235 -14.63 2.84 1.38
N PHE A 236 -13.86 3.91 1.17
CA PHE A 236 -12.64 4.14 1.94
C PHE A 236 -12.91 3.94 3.43
N PRO A 237 -12.03 3.25 4.16
CA PRO A 237 -10.72 2.69 3.78
C PRO A 237 -10.67 1.23 3.24
N PHE A 238 -11.80 0.62 2.89
CA PHE A 238 -11.87 -0.67 2.20
C PHE A 238 -11.47 -1.87 3.06
N PHE A 239 -10.45 -1.74 3.90
CA PHE A 239 -9.80 -2.90 4.51
C PHE A 239 -10.00 -2.97 6.02
N LEU A 240 -10.83 -2.10 6.59
CA LEU A 240 -11.31 -2.26 7.95
C LEU A 240 -12.69 -1.62 8.05
N GLY A 241 -13.40 -1.95 9.13
CA GLY A 241 -14.73 -1.43 9.34
C GLY A 241 -15.85 -2.40 9.10
N HIS A 242 -15.53 -3.65 8.74
CA HIS A 242 -16.55 -4.68 8.66
C HIS A 242 -17.15 -4.93 10.04
N ALA A 243 -18.41 -5.33 10.04
CA ALA A 243 -19.16 -5.55 11.27
C ALA A 243 -18.66 -6.73 12.08
N ASP A 244 -17.86 -7.62 11.47
CA ASP A 244 -17.36 -8.82 12.13
C ASP A 244 -15.96 -8.61 12.72
N GLU A 245 -15.58 -7.36 12.97
CA GLU A 245 -14.36 -7.03 13.70
C GLU A 245 -14.78 -6.57 15.12
N HIS A 246 -14.77 -7.53 16.06
CA HIS A 246 -15.24 -7.32 17.42
C HIS A 246 -14.11 -7.12 18.44
N GLY A 247 -12.87 -7.10 17.99
CA GLY A 247 -11.73 -7.08 18.90
C GLY A 247 -10.95 -8.39 18.83
N GLU A 248 -9.75 -8.35 19.39
CA GLU A 248 -8.96 -9.55 19.58
C GLU A 248 -8.48 -9.60 21.01
N GLY A 249 -8.19 -10.81 21.46
CA GLY A 249 -7.66 -10.98 22.80
C GLY A 249 -8.67 -10.50 23.81
N THR A 250 -8.17 -9.73 24.79
CA THR A 250 -9.04 -9.21 25.84
C THR A 250 -9.94 -8.09 25.34
N GLY A 251 -9.65 -7.54 24.17
CA GLY A 251 -10.53 -6.54 23.61
C GLY A 251 -11.70 -7.09 22.84
N GLU A 252 -11.89 -8.41 22.89
CA GLU A 252 -13.03 -9.02 22.22
C GLU A 252 -14.32 -8.61 22.90
N GLY A 253 -15.24 -8.06 22.12
CA GLY A 253 -16.49 -7.53 22.61
C GLY A 253 -16.54 -6.04 22.65
N PHE A 254 -15.38 -5.38 22.51
CA PHE A 254 -15.23 -3.94 22.70
C PHE A 254 -14.77 -3.23 21.43
N ASN A 255 -15.04 -3.83 20.26
CA ASN A 255 -15.00 -3.14 18.99
C ASN A 255 -16.34 -3.36 18.29
N ILE A 256 -17.06 -2.28 17.99
CA ILE A 256 -18.41 -2.36 17.39
C ILE A 256 -18.47 -1.47 16.16
N ASN A 257 -18.51 -2.09 14.97
CA ASN A 257 -18.64 -1.38 13.70
C ASN A 257 -20.08 -1.40 13.20
N TYR A 258 -20.55 -0.24 12.71
CA TYR A 258 -21.87 -0.10 12.10
C TYR A 258 -21.69 0.32 10.64
N PRO A 259 -21.35 -0.62 9.75
CA PRO A 259 -21.27 -0.28 8.33
C PRO A 259 -22.67 -0.15 7.77
N LEU A 260 -22.92 0.95 7.07
CA LEU A 260 -24.21 1.21 6.45
C LEU A 260 -24.05 1.32 4.94
N PRO A 261 -25.09 0.98 4.18
CA PRO A 261 -25.00 1.06 2.72
C PRO A 261 -25.10 2.49 2.23
N ALA A 262 -24.49 2.73 1.04
CA ALA A 262 -24.63 4.01 0.37
C ALA A 262 -26.10 4.37 0.22
N GLY A 263 -26.38 5.68 0.27
CA GLY A 263 -27.75 6.16 0.28
C GLY A 263 -28.41 6.20 1.64
N SER A 264 -27.69 5.89 2.69
CA SER A 264 -28.27 5.85 4.03
C SER A 264 -28.72 7.23 4.47
N ALA A 265 -29.86 7.29 5.13
CA ALA A 265 -30.39 8.53 5.70
C ALA A 265 -30.56 8.32 7.21
N TRP A 266 -31.21 9.29 7.88
CA TRP A 266 -31.20 9.33 9.33
C TRP A 266 -31.94 8.14 9.97
N ASP A 267 -32.91 7.57 9.27
CA ASP A 267 -33.65 6.45 9.87
C ASP A 267 -32.74 5.25 10.12
N SER A 268 -31.81 4.96 9.19
CA SER A 268 -30.83 3.93 9.44
C SER A 268 -29.70 4.45 10.31
N TRP A 269 -29.11 5.58 9.90
CA TRP A 269 -27.95 6.13 10.60
C TRP A 269 -28.24 6.34 12.09
N GLY A 270 -29.34 7.02 12.39
CA GLY A 270 -29.69 7.25 13.77
C GLY A 270 -30.13 6.00 14.52
N ALA A 271 -30.52 4.93 13.82
CA ALA A 271 -30.75 3.69 14.55
C ALA A 271 -29.43 3.03 14.93
N ALA A 272 -28.42 3.14 14.06
CA ALA A 272 -27.07 2.77 14.46
C ALA A 272 -26.60 3.63 15.63
N LEU A 273 -26.83 4.95 15.57
CA LEU A 273 -26.39 5.82 16.65
C LEU A 273 -27.02 5.39 17.97
N ASP A 274 -28.31 5.05 17.95
CA ASP A 274 -28.99 4.65 19.16
C ASP A 274 -28.37 3.38 19.74
N ASP A 275 -28.16 2.38 18.89
CA ASP A 275 -27.54 1.13 19.35
C ASP A 275 -26.14 1.39 19.91
N ALA A 276 -25.37 2.25 19.24
CA ALA A 276 -24.01 2.54 19.68
C ALA A 276 -23.99 3.20 21.05
N CYS A 277 -24.87 4.17 21.28
CA CYS A 277 -24.87 4.89 22.55
C CYS A 277 -25.31 3.99 23.70
N LYS A 278 -26.30 3.13 23.45
CA LYS A 278 -26.70 2.15 24.45
C LYS A 278 -25.52 1.26 24.83
N ARG A 279 -24.70 0.87 23.84
CA ARG A 279 -23.54 0.04 24.11
C ARG A 279 -22.54 0.76 24.98
N ILE A 280 -22.23 2.01 24.60
CA ILE A 280 -21.32 2.84 25.40
C ILE A 280 -21.81 2.90 26.86
N ASN A 281 -23.12 3.03 27.07
CA ASN A 281 -23.65 3.18 28.42
C ASN A 281 -23.58 1.89 29.21
N ALA A 282 -23.78 0.75 28.55
CA ALA A 282 -23.66 -0.53 29.24
C ALA A 282 -22.21 -0.93 29.51
N PHE A 283 -21.28 -0.42 28.70
CA PHE A 283 -19.86 -0.58 28.96
C PHE A 283 -19.38 0.24 30.16
N ASP A 284 -20.23 1.11 30.70
CA ASP A 284 -19.91 1.97 31.83
C ASP A 284 -18.74 2.89 31.53
N ALA A 285 -18.64 3.34 30.28
CA ALA A 285 -17.74 4.42 29.95
C ALA A 285 -17.99 5.58 30.93
N GLU A 286 -16.90 6.18 31.40
CA GLU A 286 -16.92 7.33 32.28
C GLU A 286 -16.79 8.66 31.55
N VAL A 287 -16.19 8.62 30.37
CA VAL A 287 -16.13 9.74 29.44
C VAL A 287 -16.38 9.11 28.08
N VAL A 288 -16.95 9.89 27.17
CA VAL A 288 -17.04 9.49 25.77
C VAL A 288 -16.33 10.55 24.94
N ILE A 289 -15.50 10.09 24.01
CA ILE A 289 -14.73 10.92 23.10
C ILE A 289 -15.37 10.77 21.73
N VAL A 290 -15.95 11.85 21.22
CA VAL A 290 -16.70 11.82 19.97
C VAL A 290 -15.76 12.27 18.86
N SER A 291 -15.52 11.37 17.91
CA SER A 291 -14.80 11.66 16.66
C SER A 291 -15.77 12.28 15.66
N LEU A 292 -15.86 13.62 15.69
CA LEU A 292 -16.93 14.37 15.02
C LEU A 292 -16.49 14.78 13.62
N GLY A 293 -16.81 13.92 12.65
CA GLY A 293 -16.76 14.30 11.24
C GLY A 293 -18.17 14.54 10.73
N VAL A 294 -18.32 15.58 9.89
CA VAL A 294 -19.66 15.88 9.36
C VAL A 294 -19.67 15.74 7.85
N ASP A 295 -18.81 14.84 7.33
CA ASP A 295 -18.81 14.48 5.93
C ASP A 295 -19.87 13.40 5.60
N THR A 296 -20.81 13.15 6.51
CA THR A 296 -22.02 12.41 6.22
C THR A 296 -23.08 13.25 5.50
N TYR A 297 -22.89 14.58 5.44
CA TYR A 297 -23.85 15.52 4.86
C TYR A 297 -24.17 15.17 3.42
N LYS A 298 -25.45 15.33 3.02
CA LYS A 298 -25.82 14.97 1.66
C LYS A 298 -25.12 15.85 0.63
N GLU A 299 -24.80 17.10 0.97
CA GLU A 299 -24.11 17.96 0.04
C GLU A 299 -22.59 17.85 0.13
N ASP A 300 -22.05 17.01 0.99
CA ASP A 300 -20.60 16.82 1.02
C ASP A 300 -20.19 16.03 -0.21
N PRO A 301 -19.13 16.43 -0.93
CA PRO A 301 -18.79 15.72 -2.17
C PRO A 301 -18.30 14.30 -1.94
N ILE A 302 -17.63 14.03 -0.82
CA ILE A 302 -17.13 12.68 -0.58
C ILE A 302 -18.18 11.79 0.07
N SER A 303 -19.30 12.37 0.49
CA SER A 303 -20.34 11.62 1.18
C SER A 303 -21.11 10.72 0.23
N GLN A 304 -21.59 9.60 0.78
CA GLN A 304 -22.64 8.83 0.13
C GLN A 304 -23.83 8.58 1.05
N PHE A 305 -23.86 9.24 2.21
CA PHE A 305 -25.03 9.25 3.09
C PHE A 305 -25.90 10.46 2.79
N LYS A 306 -27.12 10.47 3.32
CA LYS A 306 -28.04 11.56 2.96
C LYS A 306 -28.51 12.32 4.20
N LEU A 307 -27.58 12.75 5.04
CA LEU A 307 -27.94 13.48 6.26
C LEU A 307 -28.14 14.95 5.94
N ASP A 308 -29.12 15.57 6.61
CA ASP A 308 -29.33 17.00 6.46
C ASP A 308 -28.90 17.72 7.73
N SER A 309 -28.71 19.03 7.61
CA SER A 309 -28.30 19.82 8.77
C SER A 309 -29.19 19.59 9.99
N PRO A 310 -30.52 19.47 9.88
CA PRO A 310 -31.31 19.12 11.08
C PRO A 310 -30.86 17.83 11.75
N ASP A 311 -30.41 16.85 10.97
CA ASP A 311 -29.97 15.58 11.53
C ASP A 311 -28.85 15.76 12.54
N TYR A 312 -28.06 16.83 12.42
CA TYR A 312 -26.91 17.00 13.32
C TYR A 312 -27.34 17.47 14.71
N LEU A 313 -28.37 18.32 14.79
CA LEU A 313 -28.99 18.62 16.09
C LEU A 313 -29.43 17.34 16.78
N SER A 314 -30.12 16.48 16.03
CA SER A 314 -30.63 15.22 16.57
C SER A 314 -29.50 14.33 17.04
N MET A 315 -28.36 14.39 16.34
CA MET A 315 -27.20 13.61 16.73
C MET A 315 -26.59 14.15 18.02
N GLY A 316 -26.66 15.48 18.22
CA GLY A 316 -26.22 16.06 19.47
C GLY A 316 -27.16 15.75 20.61
N GLU A 317 -28.47 15.71 20.33
CA GLU A 317 -29.44 15.45 21.39
C GLU A 317 -29.34 14.01 21.87
N ARG A 318 -29.05 13.09 20.95
CA ARG A 318 -28.90 11.69 21.33
C ARG A 318 -27.58 11.46 22.05
N ILE A 319 -26.51 12.13 21.60
CA ILE A 319 -25.24 11.93 22.29
C ILE A 319 -25.35 12.44 23.71
N ALA A 320 -26.02 13.58 23.89
CA ALA A 320 -26.24 14.14 25.21
C ALA A 320 -27.08 13.22 26.09
N ALA A 321 -27.90 12.36 25.48
CA ALA A 321 -28.76 11.45 26.23
C ALA A 321 -28.00 10.39 27.01
N MET A 322 -26.69 10.28 26.80
CA MET A 322 -25.91 9.29 27.53
C MET A 322 -25.56 9.75 28.94
N GLY A 323 -25.68 11.04 29.23
CA GLY A 323 -25.36 11.57 30.55
C GLY A 323 -23.91 11.49 30.97
N LEU A 324 -22.97 11.41 30.03
CA LEU A 324 -21.56 11.32 30.39
C LEU A 324 -20.80 12.58 29.99
N PRO A 325 -19.67 12.88 30.65
CA PRO A 325 -18.76 13.90 30.09
C PRO A 325 -18.37 13.51 28.68
N THR A 326 -18.37 14.50 27.78
CA THR A 326 -18.28 14.24 26.35
C THR A 326 -17.28 15.19 25.71
N LEU A 327 -16.24 14.64 25.08
CA LEU A 327 -15.25 15.41 24.34
C LEU A 327 -15.51 15.22 22.86
N PHE A 328 -15.72 16.33 22.14
CA PHE A 328 -15.90 16.31 20.69
C PHE A 328 -14.58 16.66 20.02
N VAL A 329 -14.16 15.82 19.08
CA VAL A 329 -12.89 16.00 18.39
C VAL A 329 -13.17 16.07 16.89
N MET A 330 -12.84 17.20 16.27
CA MET A 330 -13.09 17.36 14.84
C MET A 330 -12.33 16.33 14.00
N GLU A 331 -13.06 15.65 13.11
CA GLU A 331 -12.48 14.80 12.09
C GLU A 331 -12.76 15.40 10.71
N GLY A 332 -13.43 14.63 9.84
CA GLY A 332 -13.57 14.98 8.44
C GLY A 332 -14.72 15.93 8.10
N GLY A 333 -14.71 16.38 6.86
CA GLY A 333 -15.76 17.23 6.33
C GLY A 333 -15.21 18.21 5.33
N TYR A 334 -15.70 18.16 4.09
CA TYR A 334 -15.30 19.13 3.09
C TYR A 334 -15.78 20.53 3.48
N ALA A 335 -14.95 21.53 3.21
CA ALA A 335 -15.25 22.91 3.57
C ALA A 335 -16.43 23.46 2.77
N VAL A 336 -17.56 22.77 2.82
CA VAL A 336 -18.80 23.26 2.18
C VAL A 336 -19.26 24.49 2.94
N GLU A 337 -20.26 25.21 2.41
CA GLU A 337 -20.72 26.40 3.10
C GLU A 337 -21.36 26.05 4.45
N ALA A 338 -21.91 24.84 4.57
CA ALA A 338 -22.66 24.46 5.75
C ALA A 338 -21.84 23.67 6.78
N ILE A 339 -20.51 23.62 6.65
CA ILE A 339 -19.74 22.82 7.59
C ILE A 339 -19.86 23.38 9.01
N GLY A 340 -19.87 24.70 9.16
CA GLY A 340 -20.09 25.27 10.48
C GLY A 340 -21.46 24.92 11.04
N VAL A 341 -22.49 25.02 10.22
CA VAL A 341 -23.84 24.70 10.67
C VAL A 341 -23.92 23.23 11.08
N ASN A 342 -23.37 22.35 10.26
CA ASN A 342 -23.45 20.91 10.53
C ASN A 342 -22.70 20.56 11.81
N ALA A 343 -21.48 21.06 11.95
CA ALA A 343 -20.68 20.68 13.11
C ALA A 343 -21.24 21.29 14.40
N VAL A 344 -21.60 22.58 14.37
CA VAL A 344 -22.09 23.27 15.56
C VAL A 344 -23.52 22.84 15.92
N ASN A 345 -24.26 22.24 14.98
CA ASN A 345 -25.55 21.67 15.32
C ASN A 345 -25.40 20.51 16.30
N VAL A 346 -24.34 19.71 16.15
CA VAL A 346 -24.08 18.64 17.12
C VAL A 346 -23.85 19.24 18.50
N LEU A 347 -22.97 20.23 18.60
CA LEU A 347 -22.73 20.91 19.87
C LEU A 347 -23.99 21.61 20.37
N GLU A 348 -24.70 22.32 19.48
CA GLU A 348 -25.95 22.94 19.88
C GLU A 348 -26.90 21.92 20.49
N GLY A 349 -27.24 20.88 19.71
CA GLY A 349 -28.09 19.81 20.20
C GLY A 349 -27.59 19.22 21.51
N PHE A 350 -26.27 19.04 21.63
CA PHE A 350 -25.74 18.51 22.88
C PHE A 350 -26.11 19.41 24.04
N GLU A 351 -25.90 20.72 23.89
CA GLU A 351 -26.17 21.63 24.99
C GLU A 351 -27.65 21.85 25.17
N ASN A 352 -28.45 21.50 24.16
CA ASN A 352 -29.90 21.58 24.26
C ASN A 352 -30.47 20.63 25.30
N VAL A 353 -29.74 19.59 25.67
CA VAL A 353 -30.33 18.59 26.51
C VAL A 353 -29.67 18.57 27.86
N GLY B 10 23.37 -17.32 -36.22
CA GLY B 10 22.68 -17.26 -34.95
C GLY B 10 21.92 -18.53 -34.57
N THR B 11 22.01 -18.91 -33.29
CA THR B 11 21.42 -20.13 -32.76
C THR B 11 20.29 -19.87 -31.78
N MET B 12 20.02 -18.62 -31.43
CA MET B 12 19.08 -18.26 -30.37
C MET B 12 17.94 -17.42 -30.93
N LEU B 13 16.74 -17.98 -30.88
CA LEU B 13 15.57 -17.35 -31.43
C LEU B 13 15.06 -16.26 -30.51
N THR B 14 14.49 -15.20 -31.09
CA THR B 14 13.87 -14.10 -30.36
C THR B 14 12.37 -14.06 -30.66
N ILE B 15 11.55 -13.98 -29.62
CA ILE B 15 10.11 -13.81 -29.78
C ILE B 15 9.76 -12.38 -29.43
N TYR B 16 9.00 -11.72 -30.29
CA TYR B 16 8.67 -10.31 -30.08
C TYR B 16 7.26 -10.04 -30.60
N SER B 17 6.56 -9.13 -29.92
CA SER B 17 5.20 -8.79 -30.32
C SER B 17 5.10 -7.59 -31.25
N ASP B 18 4.62 -6.46 -30.74
CA ASP B 18 4.23 -5.32 -31.59
C ASP B 18 4.59 -3.99 -30.96
N LYS B 42 9.71 1.15 -27.59
CA LYS B 42 10.82 1.99 -28.06
C LYS B 42 12.20 1.40 -27.70
N ARG B 43 12.26 0.71 -26.55
CA ARG B 43 13.43 -0.11 -26.23
C ARG B 43 13.55 -1.27 -27.20
N ALA B 44 12.41 -1.87 -27.58
CA ALA B 44 12.45 -3.02 -28.47
C ALA B 44 13.19 -2.67 -29.76
N ASP B 45 13.02 -1.45 -30.26
CA ASP B 45 13.75 -1.00 -31.44
C ASP B 45 15.24 -1.20 -31.28
N HIS B 46 15.82 -0.64 -30.21
CA HIS B 46 17.26 -0.77 -30.02
C HIS B 46 17.64 -2.24 -29.82
N ILE B 47 16.81 -3.00 -29.12
CA ILE B 47 17.19 -4.37 -28.78
C ILE B 47 17.11 -5.26 -30.02
N LEU B 48 16.02 -5.17 -30.78
CA LEU B 48 15.90 -5.96 -31.99
C LEU B 48 16.97 -5.58 -33.01
N GLN B 49 17.24 -4.28 -33.13
CA GLN B 49 18.27 -3.82 -34.05
C GLN B 49 19.61 -4.45 -33.69
N ARG B 50 19.95 -4.48 -32.40
CA ARG B 50 21.18 -5.11 -31.96
C ARG B 50 21.12 -6.64 -32.08
N VAL B 51 19.92 -7.24 -31.96
CA VAL B 51 19.77 -8.67 -32.18
C VAL B 51 20.01 -9.03 -33.65
N LYS B 52 19.47 -8.21 -34.57
CA LYS B 52 19.78 -8.36 -35.99
C LYS B 52 21.27 -8.19 -36.27
N ASP B 53 21.86 -7.07 -35.79
CA ASP B 53 23.25 -6.74 -36.11
C ASP B 53 24.23 -7.77 -35.59
N ARG B 54 24.03 -8.26 -34.38
CA ARG B 54 24.97 -9.22 -33.85
C ARG B 54 24.66 -10.64 -34.28
N ASN B 55 23.65 -10.84 -35.13
CA ASN B 55 23.35 -12.15 -35.70
C ASN B 55 22.97 -13.14 -34.60
N ILE B 56 22.10 -12.71 -33.69
CA ILE B 56 21.80 -13.54 -32.54
C ILE B 56 20.94 -14.73 -32.96
N GLY B 57 20.01 -14.48 -33.87
CA GLY B 57 19.19 -15.54 -34.43
C GLY B 57 17.95 -14.95 -35.05
N GLU B 58 17.07 -15.86 -35.48
CA GLU B 58 15.82 -15.43 -36.09
C GLU B 58 14.98 -14.64 -35.10
N ILE B 59 14.00 -13.92 -35.63
CA ILE B 59 13.02 -13.18 -34.84
C ILE B 59 11.64 -13.58 -35.31
N ARG B 60 10.79 -14.00 -34.38
CA ARG B 60 9.53 -14.63 -34.74
C ARG B 60 8.40 -14.07 -33.89
N GLU B 61 7.23 -13.94 -34.51
CA GLU B 61 6.04 -13.56 -33.77
C GLU B 61 5.66 -14.67 -32.80
N PRO B 62 4.95 -14.34 -31.69
CA PRO B 62 4.52 -15.39 -30.72
C PRO B 62 3.40 -16.28 -31.21
N GLN B 63 3.03 -17.30 -30.43
CA GLN B 63 1.74 -17.96 -30.61
C GLN B 63 0.89 -17.84 -29.34
N ASP B 64 -0.39 -18.12 -29.51
CA ASP B 64 -1.33 -18.10 -28.40
C ASP B 64 -1.39 -19.51 -27.84
N PHE B 65 -0.84 -19.69 -26.65
CA PHE B 65 -0.97 -20.96 -25.96
C PHE B 65 -2.14 -20.99 -25.00
N GLY B 66 -2.96 -19.93 -24.98
CA GLY B 66 -4.16 -19.86 -24.16
C GLY B 66 -3.94 -19.35 -22.74
N ARG B 67 -5.08 -19.33 -22.03
CA ARG B 67 -5.14 -18.87 -20.65
C ARG B 67 -4.56 -19.87 -19.67
N ASP B 68 -4.75 -21.16 -19.93
CA ASP B 68 -4.40 -22.24 -19.00
C ASP B 68 -2.99 -22.15 -18.45
N PRO B 69 -1.94 -21.93 -19.25
CA PRO B 69 -0.60 -21.80 -18.65
C PRO B 69 -0.41 -20.53 -17.83
N ILE B 70 -1.01 -19.41 -18.24
CA ILE B 70 -1.05 -18.23 -17.39
C ILE B 70 -1.76 -18.56 -16.08
N GLN B 71 -2.77 -19.43 -16.14
CA GLN B 71 -3.50 -19.75 -14.93
C GLN B 71 -2.84 -20.81 -14.07
N ARG B 72 -1.77 -21.46 -14.52
CA ARG B 72 -1.04 -22.33 -13.61
C ARG B 72 -0.25 -21.55 -12.57
N ILE B 73 -0.15 -20.21 -12.74
CA ILE B 73 0.56 -19.32 -11.85
C ILE B 73 -0.39 -18.34 -11.18
N HIS B 74 -1.28 -17.71 -11.96
CA HIS B 74 -2.16 -16.66 -11.47
C HIS B 74 -3.58 -17.19 -11.22
N THR B 75 -4.22 -16.67 -10.17
CA THR B 75 -5.55 -17.12 -9.82
C THR B 75 -6.56 -16.67 -10.88
N ALA B 76 -7.56 -17.51 -11.12
CA ALA B 76 -8.60 -17.12 -12.06
C ALA B 76 -9.33 -15.87 -11.60
N GLU B 77 -9.50 -15.68 -10.29
CA GLU B 77 -10.10 -14.44 -9.79
C GLU B 77 -9.25 -13.22 -10.15
N TYR B 78 -7.93 -13.37 -10.09
CA TYR B 78 -7.03 -12.29 -10.50
C TYR B 78 -7.10 -12.05 -12.00
N LEU B 79 -7.12 -13.12 -12.80
CA LEU B 79 -7.18 -12.95 -14.26
C LEU B 79 -8.48 -12.33 -14.71
N ASN B 80 -9.61 -12.76 -14.14
CA ASN B 80 -10.90 -12.15 -14.47
C ASN B 80 -10.97 -10.69 -14.02
N PHE B 81 -10.49 -10.40 -12.81
CA PHE B 81 -10.51 -9.01 -12.36
C PHE B 81 -9.71 -8.13 -13.30
N PHE B 82 -8.46 -8.53 -13.57
CA PHE B 82 -7.55 -7.71 -14.37
C PHE B 82 -8.11 -7.48 -15.77
N GLU B 83 -8.73 -8.51 -16.36
CA GLU B 83 -9.24 -8.40 -17.72
C GLU B 83 -10.54 -7.65 -17.84
N GLY B 84 -11.30 -7.53 -16.75
CA GLY B 84 -12.50 -6.74 -16.72
C GLY B 84 -12.36 -5.38 -16.06
N ALA B 85 -11.18 -5.03 -15.56
CA ALA B 85 -11.05 -3.82 -14.78
C ALA B 85 -11.31 -2.58 -15.64
N TRP B 86 -10.57 -2.43 -16.73
CA TRP B 86 -10.79 -1.28 -17.61
C TRP B 86 -12.26 -1.15 -18.00
N ALA B 87 -12.93 -2.27 -18.28
CA ALA B 87 -14.31 -2.19 -18.74
C ALA B 87 -15.25 -1.63 -17.67
N ARG B 88 -15.07 -2.04 -16.41
CA ARG B 88 -15.91 -1.51 -15.33
C ARG B 88 -15.65 -0.03 -15.10
N TRP B 89 -14.39 0.38 -15.22
CA TRP B 89 -14.02 1.79 -15.08
C TRP B 89 -14.69 2.63 -16.15
N GLN B 90 -14.74 2.14 -17.39
CA GLN B 90 -15.42 2.91 -18.41
C GLN B 90 -16.93 2.83 -18.27
N GLU B 91 -17.45 1.81 -17.57
CA GLU B 91 -18.90 1.76 -17.34
C GLU B 91 -19.35 2.76 -16.29
N GLN B 92 -18.47 3.19 -15.38
CA GLN B 92 -18.80 4.26 -14.45
C GLN B 92 -18.16 5.58 -14.88
N ASP B 93 -18.14 5.83 -16.20
CA ASP B 93 -17.48 6.99 -16.81
C ASP B 93 -16.21 7.36 -16.08
N GLY B 94 -15.24 6.45 -16.06
CA GLY B 94 -13.97 6.75 -15.45
C GLY B 94 -13.19 7.77 -16.27
N THR B 95 -12.55 8.71 -15.57
CA THR B 95 -11.98 9.88 -16.22
C THR B 95 -10.78 9.51 -17.09
N GLY B 96 -9.74 8.93 -16.49
CA GLY B 96 -8.54 8.58 -17.24
C GLY B 96 -8.01 7.21 -16.91
N ASP B 97 -6.74 7.12 -16.52
CA ASP B 97 -6.14 5.85 -16.14
C ASP B 97 -6.74 5.34 -14.82
N LEU B 98 -6.87 4.01 -14.73
CA LEU B 98 -7.38 3.35 -13.54
C LEU B 98 -6.21 3.00 -12.62
N LEU B 99 -6.23 3.53 -11.41
CA LEU B 99 -5.16 3.31 -10.45
C LEU B 99 -5.73 3.10 -9.04
N PRO B 100 -5.04 2.33 -8.20
CA PRO B 100 -5.43 2.21 -6.80
C PRO B 100 -4.83 3.34 -5.97
N TYR B 101 -5.50 3.64 -4.86
CA TYR B 101 -5.02 4.70 -3.98
C TYR B 101 -5.10 4.31 -2.51
N THR B 102 -5.44 3.04 -2.20
CA THR B 102 -5.45 2.48 -0.85
C THR B 102 -4.93 1.05 -0.95
N TRP B 103 -4.23 0.59 0.07
CA TRP B 103 -3.66 -0.75 0.03
C TRP B 103 -3.85 -1.47 1.38
N PRO B 104 -4.05 -2.79 1.37
CA PRO B 104 -4.17 -3.50 2.65
C PRO B 104 -2.81 -3.61 3.31
N ALA B 105 -2.30 -2.50 3.87
CA ALA B 105 -0.97 -2.44 4.44
C ALA B 105 -1.02 -2.85 5.91
N ARG B 106 -0.04 -2.43 6.70
CA ARG B 106 0.01 -2.78 8.11
C ARG B 106 -1.22 -2.25 8.85
N THR B 107 -1.79 -3.10 9.71
CA THR B 107 -2.93 -2.93 10.61
C THR B 107 -4.27 -3.10 9.89
N LEU B 108 -4.28 -3.29 8.58
CA LEU B 108 -5.49 -3.49 7.81
C LEU B 108 -5.73 -4.97 7.55
N SER B 109 -6.99 -5.32 7.23
CA SER B 109 -7.35 -6.67 6.83
C SER B 109 -7.01 -6.89 5.38
N GLN B 110 -6.42 -8.05 5.07
CA GLN B 110 -6.25 -8.45 3.69
C GLN B 110 -7.51 -9.14 3.16
N ARG B 111 -8.60 -8.36 3.11
CA ARG B 111 -9.92 -8.88 2.78
C ARG B 111 -10.50 -8.08 1.64
N LEU B 112 -11.13 -8.78 0.69
CA LEU B 112 -11.40 -8.21 -0.63
C LEU B 112 -12.69 -7.39 -0.63
N PRO B 113 -12.63 -6.09 -1.00
CA PRO B 113 -13.86 -5.28 -1.10
C PRO B 113 -14.59 -5.62 -2.39
N THR B 114 -15.76 -4.99 -2.58
CA THR B 114 -16.44 -5.12 -3.86
C THR B 114 -16.15 -3.96 -4.81
N SER B 115 -15.84 -2.79 -4.26
CA SER B 115 -15.48 -1.60 -5.02
C SER B 115 -14.38 -1.90 -6.04
N LEU B 116 -14.51 -1.29 -7.22
CA LEU B 116 -13.47 -1.42 -8.24
C LEU B 116 -12.12 -0.97 -7.68
N HIS B 117 -12.06 0.21 -7.06
CA HIS B 117 -10.77 0.73 -6.59
C HIS B 117 -10.27 -0.06 -5.37
N GLY B 118 -11.18 -0.44 -4.46
CA GLY B 118 -10.78 -1.29 -3.35
C GLY B 118 -10.20 -2.61 -3.82
N GLN B 119 -10.90 -3.26 -4.75
CA GLN B 119 -10.37 -4.46 -5.38
C GLN B 119 -9.00 -4.20 -5.99
N LEU B 120 -8.83 -3.07 -6.69
CA LEU B 120 -7.56 -2.80 -7.35
C LEU B 120 -6.42 -2.70 -6.34
N GLY B 121 -6.64 -2.01 -5.22
CA GLY B 121 -5.60 -1.91 -4.21
C GLY B 121 -5.36 -3.20 -3.49
N TYR B 122 -6.37 -4.07 -3.45
CA TYR B 122 -6.20 -5.41 -2.91
C TYR B 122 -5.29 -6.26 -3.79
N TYR B 123 -5.38 -6.10 -5.11
CA TYR B 123 -4.59 -6.83 -6.08
C TYR B 123 -3.32 -6.09 -6.48
N SER B 124 -2.87 -5.13 -5.69
CA SER B 124 -1.64 -4.42 -5.99
C SER B 124 -0.91 -4.11 -4.70
N PHE B 125 0.36 -3.70 -4.85
CA PHE B 125 1.18 -3.27 -3.74
C PHE B 125 1.80 -1.89 -3.95
N ASP B 126 1.50 -1.22 -5.06
CA ASP B 126 2.03 0.11 -5.34
C ASP B 126 1.18 0.72 -6.45
N ALA B 127 1.54 1.94 -6.85
CA ALA B 127 0.79 2.69 -7.84
C ALA B 127 1.49 2.68 -9.21
N GLY B 128 2.33 1.70 -9.47
CA GLY B 128 3.15 1.70 -10.67
C GLY B 128 2.76 0.63 -11.67
N ALA B 129 1.54 0.12 -11.55
CA ALA B 129 0.95 -0.78 -12.54
C ALA B 129 -0.42 -0.20 -12.85
N PRO B 130 -0.47 0.82 -13.70
CA PRO B 130 -1.76 1.40 -14.05
C PRO B 130 -2.48 0.52 -15.06
N ILE B 131 -3.80 0.62 -15.07
CA ILE B 131 -4.61 -0.11 -16.03
C ILE B 131 -5.28 0.92 -16.94
N THR B 132 -5.02 0.80 -18.24
CA THR B 132 -5.62 1.68 -19.23
C THR B 132 -6.22 0.81 -20.33
N ALA B 133 -6.54 1.45 -21.46
CA ALA B 133 -7.30 0.78 -22.51
C ALA B 133 -6.62 -0.48 -23.01
N GLY B 134 -5.31 -0.43 -23.31
CA GLY B 134 -4.75 -1.64 -23.89
C GLY B 134 -4.07 -2.63 -22.95
N THR B 135 -4.28 -2.55 -21.63
CA THR B 135 -3.28 -3.08 -20.73
C THR B 135 -3.35 -4.60 -20.62
N TRP B 136 -4.54 -5.16 -20.41
CA TRP B 136 -4.60 -6.61 -20.24
C TRP B 136 -4.24 -7.33 -21.53
N GLN B 137 -4.58 -6.76 -22.68
CA GLN B 137 -4.15 -7.41 -23.94
C GLN B 137 -2.64 -7.35 -24.08
N ALA B 138 -2.01 -6.28 -23.58
CA ALA B 138 -0.57 -6.17 -23.65
C ALA B 138 0.11 -7.14 -22.70
N ALA B 139 -0.41 -7.26 -21.47
CA ALA B 139 0.18 -8.21 -20.53
C ALA B 139 -0.03 -9.66 -21.00
N TYR B 140 -1.26 -9.98 -21.46
CA TYR B 140 -1.54 -11.29 -22.04
C TYR B 140 -0.55 -11.62 -23.14
N SER B 141 -0.21 -10.63 -23.96
CA SER B 141 0.66 -10.85 -25.11
C SER B 141 2.11 -11.13 -24.69
N ALA B 142 2.60 -10.47 -23.63
CA ALA B 142 3.94 -10.77 -23.15
C ALA B 142 4.02 -12.19 -22.60
N ALA B 143 3.03 -12.59 -21.80
CA ALA B 143 3.01 -13.97 -21.34
C ALA B 143 3.03 -14.95 -22.50
N GLN B 144 2.25 -14.65 -23.56
CA GLN B 144 2.29 -15.48 -24.76
C GLN B 144 3.67 -15.47 -25.42
N VAL B 145 4.33 -14.31 -25.43
CA VAL B 145 5.68 -14.24 -25.98
C VAL B 145 6.61 -15.14 -25.18
N ALA B 146 6.55 -15.03 -23.85
CA ALA B 146 7.36 -15.90 -22.99
C ALA B 146 7.06 -17.37 -23.25
N LEU B 147 5.78 -17.73 -23.39
CA LEU B 147 5.43 -19.13 -23.57
C LEU B 147 5.93 -19.69 -24.90
N THR B 148 6.04 -18.83 -25.91
CA THR B 148 6.52 -19.25 -27.21
C THR B 148 8.00 -19.55 -27.17
N ALA B 149 8.76 -18.72 -26.45
CA ALA B 149 10.19 -18.96 -26.33
C ALA B 149 10.46 -20.16 -25.43
N GLN B 150 9.69 -20.29 -24.35
CA GLN B 150 9.73 -21.52 -23.57
C GLN B 150 9.49 -22.73 -24.45
N HIS B 151 8.53 -22.62 -25.37
CA HIS B 151 8.16 -23.73 -26.24
C HIS B 151 9.28 -24.10 -27.21
N GLU B 152 9.96 -23.10 -27.78
CA GLU B 152 11.10 -23.39 -28.65
C GLU B 152 12.12 -24.27 -27.94
N ILE B 153 12.31 -24.06 -26.64
CA ILE B 153 13.34 -24.78 -25.91
C ILE B 153 12.88 -26.20 -25.62
N THR B 154 11.59 -26.37 -25.30
CA THR B 154 11.04 -27.70 -25.09
C THR B 154 11.19 -28.56 -26.34
N ASN B 155 11.06 -27.96 -27.53
CA ASN B 155 11.19 -28.63 -28.82
C ASN B 155 12.63 -28.85 -29.25
N GLY B 156 13.61 -28.59 -28.40
CA GLY B 156 14.99 -28.91 -28.69
C GLY B 156 15.95 -27.76 -28.89
N ALA B 157 15.54 -26.52 -28.67
CA ALA B 157 16.48 -25.41 -28.71
C ALA B 157 17.13 -25.26 -27.35
N HIS B 158 18.42 -24.91 -27.38
CA HIS B 158 19.20 -24.79 -26.15
C HIS B 158 18.91 -23.47 -25.46
N SER B 159 18.50 -22.44 -26.21
CA SER B 159 18.19 -21.12 -25.68
C SER B 159 17.18 -20.39 -26.57
N ALA B 160 16.58 -19.35 -25.99
CA ALA B 160 15.57 -18.53 -26.63
C ALA B 160 15.43 -17.23 -25.83
N PHE B 161 14.98 -16.18 -26.51
CA PHE B 161 14.86 -14.86 -25.90
C PHE B 161 13.41 -14.40 -26.04
N ALA B 162 12.76 -14.14 -24.90
CA ALA B 162 11.41 -13.59 -24.84
C ALA B 162 11.53 -12.08 -24.64
N LEU B 163 11.28 -11.31 -25.70
CA LEU B 163 11.34 -9.87 -25.60
C LEU B 163 9.98 -9.36 -25.10
N CYS B 164 9.75 -9.54 -23.79
CA CYS B 164 8.47 -9.22 -23.19
C CYS B 164 8.37 -7.73 -22.87
N ARG B 165 7.24 -7.13 -23.22
CA ARG B 165 6.82 -5.89 -22.60
C ARG B 165 5.31 -6.01 -22.43
N PRO B 166 4.76 -5.68 -21.26
CA PRO B 166 5.41 -5.26 -20.01
C PRO B 166 6.17 -6.38 -19.28
N PRO B 167 7.11 -6.06 -18.40
CA PRO B 167 7.84 -7.10 -17.65
C PRO B 167 6.95 -7.85 -16.66
N GLY B 168 7.52 -8.76 -15.87
CA GLY B 168 6.67 -9.58 -15.02
C GLY B 168 7.07 -9.87 -13.59
N HIS B 169 8.34 -9.64 -13.21
CA HIS B 169 8.82 -10.25 -11.97
C HIS B 169 8.35 -9.55 -10.71
N HIS B 170 7.59 -8.47 -10.79
CA HIS B 170 7.01 -7.89 -9.59
C HIS B 170 5.60 -8.38 -9.33
N ALA B 171 5.00 -9.16 -10.25
CA ALA B 171 3.65 -9.67 -10.06
C ALA B 171 3.70 -11.00 -9.32
N ALA B 172 2.99 -11.08 -8.19
CA ALA B 172 2.80 -12.35 -7.50
C ALA B 172 1.60 -13.09 -8.13
N SER B 173 1.16 -14.19 -7.50
CA SER B 173 0.04 -14.93 -8.05
C SER B 173 -1.18 -14.04 -8.30
N ASP B 174 -1.48 -13.13 -7.37
CA ASP B 174 -2.59 -12.21 -7.57
C ASP B 174 -2.28 -10.84 -6.95
N VAL B 175 -1.05 -10.38 -7.12
CA VAL B 175 -0.69 -8.99 -6.82
C VAL B 175 0.09 -8.42 -8.00
N MET B 176 -0.16 -7.17 -8.30
CA MET B 176 0.45 -6.47 -9.42
C MET B 176 1.15 -5.22 -8.90
N GLY B 177 2.18 -4.81 -9.61
CA GLY B 177 2.86 -3.56 -9.33
C GLY B 177 4.20 -3.54 -10.02
N GLY B 178 4.80 -2.34 -10.05
CA GLY B 178 6.09 -2.18 -10.68
C GLY B 178 6.09 -2.38 -12.17
N TYR B 179 5.01 -1.96 -12.85
N TYR B 179 5.00 -1.98 -12.84
CA TYR B 179 4.76 -2.14 -14.29
CA TYR B 179 4.82 -2.16 -14.29
C TYR B 179 4.67 -3.61 -14.69
C TYR B 179 4.78 -3.63 -14.67
N CYS B 180 4.33 -4.50 -13.75
CA CYS B 180 4.22 -5.92 -14.00
C CYS B 180 2.81 -6.39 -13.64
N TYR B 181 2.14 -7.05 -14.59
CA TYR B 181 0.78 -7.53 -14.40
C TYR B 181 0.66 -9.05 -14.40
N LEU B 182 1.41 -9.72 -15.26
CA LEU B 182 1.47 -11.16 -15.31
C LEU B 182 2.94 -11.53 -15.25
N ASN B 183 3.28 -12.53 -14.43
CA ASN B 183 4.69 -12.90 -14.26
C ASN B 183 5.16 -13.79 -15.41
N ASN B 184 5.69 -13.15 -16.47
CA ASN B 184 6.13 -13.87 -17.67
C ASN B 184 7.08 -15.00 -17.35
N ALA B 185 8.18 -14.68 -16.66
CA ALA B 185 9.20 -15.67 -16.30
C ALA B 185 8.60 -16.85 -15.53
N ALA B 186 7.72 -16.59 -14.57
CA ALA B 186 7.18 -17.66 -13.75
C ALA B 186 6.20 -18.54 -14.54
N ILE B 187 5.49 -17.95 -15.50
CA ILE B 187 4.57 -18.73 -16.31
C ILE B 187 5.34 -19.71 -17.17
N ALA B 188 6.47 -19.25 -17.74
CA ALA B 188 7.33 -20.09 -18.57
C ALA B 188 8.07 -21.11 -17.73
N ALA B 189 8.48 -20.72 -16.51
CA ALA B 189 9.05 -21.69 -15.58
C ALA B 189 8.09 -22.86 -15.39
N GLN B 190 6.83 -22.57 -15.08
CA GLN B 190 5.87 -23.63 -14.78
C GLN B 190 5.55 -24.47 -16.02
N ALA B 191 5.55 -23.86 -17.20
CA ALA B 191 5.38 -24.61 -18.43
C ALA B 191 6.46 -25.68 -18.57
N PHE B 192 7.71 -25.34 -18.25
CA PHE B 192 8.77 -26.33 -18.30
C PHE B 192 8.48 -27.51 -17.39
N ILE B 193 7.94 -27.24 -16.19
CA ILE B 193 7.53 -28.30 -15.27
C ILE B 193 6.39 -29.11 -15.87
N ASP B 194 5.29 -28.44 -16.24
CA ASP B 194 4.15 -29.15 -16.81
C ASP B 194 4.51 -29.97 -18.05
N GLN B 195 5.59 -29.62 -18.75
CA GLN B 195 6.02 -30.34 -19.94
C GLN B 195 7.08 -31.38 -19.64
N GLY B 196 7.20 -31.80 -18.39
CA GLY B 196 8.07 -32.93 -18.10
C GLY B 196 9.09 -32.73 -17.00
N HIS B 197 9.62 -31.52 -16.85
CA HIS B 197 10.78 -31.31 -16.00
C HIS B 197 10.43 -31.42 -14.52
N LYS B 198 11.34 -32.03 -13.77
CA LYS B 198 11.23 -32.12 -12.32
C LYS B 198 11.65 -30.82 -11.65
N ARG B 199 12.78 -30.25 -12.07
CA ARG B 199 13.40 -29.11 -11.41
C ARG B 199 13.77 -28.03 -12.42
N VAL B 200 13.49 -26.78 -12.09
CA VAL B 200 13.93 -25.64 -12.87
C VAL B 200 14.49 -24.58 -11.90
N ALA B 201 15.20 -23.60 -12.44
CA ALA B 201 15.71 -22.53 -11.60
C ALA B 201 15.52 -21.18 -12.30
N ILE B 202 15.17 -20.16 -11.52
CA ILE B 202 15.01 -18.81 -12.02
C ILE B 202 16.17 -17.95 -11.54
N LEU B 203 16.83 -17.29 -12.47
CA LEU B 203 17.90 -16.36 -12.15
C LEU B 203 17.43 -14.96 -12.53
N ASP B 204 17.27 -14.10 -11.51
CA ASP B 204 16.75 -12.74 -11.68
C ASP B 204 17.91 -11.74 -11.58
N VAL B 205 18.43 -11.31 -12.75
CA VAL B 205 19.58 -10.42 -12.82
C VAL B 205 19.18 -8.94 -12.89
N ASP B 206 17.89 -8.63 -13.04
CA ASP B 206 17.40 -7.26 -12.96
C ASP B 206 17.97 -6.57 -11.73
N TYR B 207 18.11 -5.25 -11.82
CA TYR B 207 18.57 -4.47 -10.68
C TYR B 207 17.61 -4.60 -9.48
N HIS B 208 16.33 -4.85 -9.72
CA HIS B 208 15.32 -4.91 -8.67
C HIS B 208 15.03 -6.35 -8.27
N HIS B 209 14.69 -6.53 -7.00
CA HIS B 209 14.22 -7.84 -6.55
C HIS B 209 12.96 -8.24 -7.31
N GLY B 210 12.94 -9.50 -7.76
CA GLY B 210 11.74 -10.09 -8.35
C GLY B 210 10.80 -10.62 -7.28
N ASN B 211 10.17 -9.70 -6.56
CA ASN B 211 9.35 -10.05 -5.40
C ASN B 211 8.20 -10.98 -5.77
N GLY B 212 7.52 -10.71 -6.89
CA GLY B 212 6.41 -11.55 -7.29
C GLY B 212 6.82 -12.97 -7.62
N THR B 213 8.00 -13.13 -8.20
CA THR B 213 8.49 -14.46 -8.53
C THR B 213 8.93 -15.21 -7.29
N GLN B 214 9.61 -14.52 -6.36
CA GLN B 214 9.93 -15.15 -5.08
C GLN B 214 8.65 -15.60 -4.38
N SER B 215 7.63 -14.75 -4.41
CA SER B 215 6.36 -15.10 -3.78
C SER B 215 5.72 -16.32 -4.44
N ILE B 216 5.73 -16.39 -5.78
CA ILE B 216 5.00 -17.44 -6.48
C ILE B 216 5.55 -18.84 -6.13
N PHE B 217 6.87 -18.96 -5.99
CA PHE B 217 7.52 -20.25 -5.72
C PHE B 217 8.10 -20.35 -4.31
N TYR B 218 7.58 -19.59 -3.33
CA TYR B 218 8.27 -19.47 -2.05
C TYR B 218 8.25 -20.76 -1.24
N SER B 219 7.16 -21.54 -1.32
CA SER B 219 7.07 -22.82 -0.61
C SER B 219 7.23 -24.00 -1.54
N ARG B 220 7.98 -23.80 -2.62
CA ARG B 220 8.23 -24.83 -3.59
C ARG B 220 9.72 -25.08 -3.73
N SER B 221 10.07 -26.33 -4.04
CA SER B 221 11.46 -26.69 -4.18
C SER B 221 11.77 -27.39 -5.50
N ASP B 222 10.80 -27.50 -6.39
CA ASP B 222 11.09 -27.86 -7.76
C ASP B 222 11.45 -26.64 -8.60
N VAL B 223 11.29 -25.45 -8.04
CA VAL B 223 11.61 -24.19 -8.71
C VAL B 223 12.50 -23.42 -7.75
N LEU B 224 13.81 -23.42 -8.03
CA LEU B 224 14.77 -22.64 -7.24
C LEU B 224 14.77 -21.20 -7.76
N PHE B 225 14.51 -20.23 -6.89
CA PHE B 225 14.58 -18.80 -7.22
C PHE B 225 15.85 -18.18 -6.67
N THR B 226 16.60 -17.47 -7.52
CA THR B 226 17.72 -16.64 -7.08
C THR B 226 17.59 -15.27 -7.69
N SER B 227 18.11 -14.26 -6.98
CA SER B 227 18.00 -12.87 -7.39
C SER B 227 19.18 -12.09 -6.83
N ILE B 228 19.76 -11.23 -7.67
CA ILE B 228 20.76 -10.24 -7.28
C ILE B 228 20.16 -8.86 -7.52
N HIS B 229 20.30 -7.97 -6.55
CA HIS B 229 19.51 -6.75 -6.63
C HIS B 229 20.00 -5.74 -5.61
N GLY B 230 19.65 -4.48 -5.83
CA GLY B 230 19.85 -3.48 -4.81
C GLY B 230 19.15 -3.86 -3.53
N ASP B 231 19.88 -3.79 -2.42
CA ASP B 231 19.37 -4.16 -1.11
C ASP B 231 17.99 -3.54 -0.86
N PRO B 232 16.96 -4.34 -0.62
CA PRO B 232 15.60 -3.77 -0.44
C PRO B 232 15.49 -2.84 0.74
N LYS B 233 16.39 -2.93 1.72
CA LYS B 233 16.44 -1.94 2.79
C LYS B 233 16.52 -0.50 2.24
N PHE B 234 16.97 -0.29 0.99
CA PHE B 234 16.88 1.03 0.38
C PHE B 234 16.23 1.05 -1.01
N GLU B 235 16.20 -0.06 -1.73
CA GLU B 235 15.72 -0.09 -3.10
C GLU B 235 14.36 -0.77 -3.19
N PHE B 236 13.53 -0.27 -4.10
CA PHE B 236 12.27 -0.91 -4.46
C PHE B 236 12.50 -2.38 -4.79
N PRO B 237 11.64 -3.31 -4.34
CA PRO B 237 10.30 -3.13 -3.82
C PRO B 237 10.23 -2.96 -2.31
N PHE B 238 11.38 -2.81 -1.64
CA PHE B 238 11.54 -2.45 -0.23
C PHE B 238 11.20 -3.58 0.74
N PHE B 239 10.12 -4.32 0.47
CA PHE B 239 9.51 -5.19 1.46
C PHE B 239 9.70 -6.68 1.15
N LEU B 240 10.58 -7.00 0.21
CA LEU B 240 11.02 -8.36 -0.08
C LEU B 240 12.41 -8.28 -0.73
N GLY B 241 13.20 -9.34 -0.58
CA GLY B 241 14.53 -9.37 -1.16
C GLY B 241 15.66 -9.39 -0.16
N HIS B 242 15.38 -9.43 1.13
CA HIS B 242 16.42 -9.59 2.13
C HIS B 242 17.06 -10.97 2.02
N ALA B 243 18.33 -11.06 2.48
CA ALA B 243 19.08 -12.31 2.41
C ALA B 243 18.52 -13.40 3.30
N ASP B 244 17.75 -13.05 4.33
CA ASP B 244 17.21 -14.03 5.28
C ASP B 244 15.92 -14.67 4.81
N GLU B 245 15.45 -14.36 3.60
CA GLU B 245 14.24 -14.96 3.02
C GLU B 245 14.69 -16.18 2.23
N HIS B 246 14.70 -17.34 2.88
CA HIS B 246 15.18 -18.58 2.29
C HIS B 246 14.05 -19.49 1.82
N GLY B 247 12.81 -19.13 2.03
CA GLY B 247 11.74 -20.00 1.60
C GLY B 247 10.93 -20.53 2.78
N GLU B 248 9.75 -21.04 2.45
CA GLU B 248 8.75 -21.46 3.40
C GLU B 248 8.51 -22.96 3.25
N GLY B 249 8.31 -23.66 4.36
CA GLY B 249 7.89 -25.05 4.30
C GLY B 249 8.86 -25.89 3.51
N THR B 250 8.33 -26.73 2.60
CA THR B 250 9.24 -27.51 1.77
C THR B 250 9.96 -26.66 0.73
N GLY B 251 9.73 -25.34 0.69
CA GLY B 251 10.54 -24.45 -0.09
C GLY B 251 11.73 -23.90 0.66
N GLU B 252 11.90 -24.35 1.90
CA GLU B 252 12.95 -23.85 2.77
C GLU B 252 14.33 -24.17 2.19
N GLY B 253 15.17 -23.14 2.04
CA GLY B 253 16.49 -23.33 1.46
C GLY B 253 16.55 -23.29 -0.05
N PHE B 254 15.42 -23.04 -0.74
CA PHE B 254 15.35 -23.06 -2.20
C PHE B 254 15.05 -21.68 -2.75
N ASN B 255 15.28 -20.64 -1.97
CA ASN B 255 15.12 -19.24 -2.34
C ASN B 255 16.37 -18.52 -1.87
N ILE B 256 17.15 -17.97 -2.81
CA ILE B 256 18.45 -17.37 -2.50
C ILE B 256 18.49 -15.93 -2.99
N ASN B 257 18.42 -14.98 -2.07
CA ASN B 257 18.50 -13.56 -2.37
C ASN B 257 19.92 -13.03 -2.14
N TYR B 258 20.45 -12.30 -3.14
CA TYR B 258 21.73 -11.62 -3.02
C TYR B 258 21.54 -10.11 -3.07
N PRO B 259 21.16 -9.49 -1.96
CA PRO B 259 21.08 -8.02 -1.93
C PRO B 259 22.46 -7.37 -1.90
N LEU B 260 22.61 -6.27 -2.61
CA LEU B 260 23.90 -5.61 -2.75
C LEU B 260 23.80 -4.13 -2.42
N PRO B 261 24.87 -3.56 -1.86
CA PRO B 261 24.88 -2.12 -1.56
C PRO B 261 24.95 -1.27 -2.81
N ALA B 262 24.48 -0.04 -2.66
CA ALA B 262 24.62 0.96 -3.71
C ALA B 262 26.09 1.13 -4.09
N GLY B 263 26.33 1.45 -5.36
CA GLY B 263 27.68 1.58 -5.86
C GLY B 263 28.37 0.28 -6.22
N SER B 264 27.71 -0.86 -6.07
CA SER B 264 28.31 -2.15 -6.40
C SER B 264 28.71 -2.19 -7.87
N ALA B 265 29.88 -2.77 -8.14
CA ALA B 265 30.38 -3.01 -9.48
C ALA B 265 30.62 -4.52 -9.68
N TRP B 266 31.29 -4.86 -10.80
CA TRP B 266 31.37 -6.25 -11.24
C TRP B 266 32.14 -7.15 -10.29
N ASP B 267 33.06 -6.62 -9.46
CA ASP B 267 33.76 -7.49 -8.51
C ASP B 267 32.78 -8.09 -7.50
N SER B 268 31.78 -7.31 -7.09
CA SER B 268 30.73 -7.77 -6.19
C SER B 268 29.59 -8.44 -6.94
N TRP B 269 29.11 -7.78 -7.98
CA TRP B 269 27.97 -8.33 -8.71
C TRP B 269 28.32 -9.68 -9.33
N GLY B 270 29.46 -9.76 -10.01
CA GLY B 270 29.89 -11.05 -10.56
C GLY B 270 30.16 -12.12 -9.50
N ALA B 271 30.48 -11.70 -8.27
CA ALA B 271 30.67 -12.67 -7.19
C ALA B 271 29.34 -13.32 -6.79
N ALA B 272 28.30 -12.50 -6.56
CA ALA B 272 26.95 -13.02 -6.38
C ALA B 272 26.57 -13.97 -7.52
N LEU B 273 26.71 -13.51 -8.76
CA LEU B 273 26.33 -14.33 -9.90
C LEU B 273 27.08 -15.65 -9.91
N ASP B 274 28.34 -15.61 -9.51
CA ASP B 274 29.13 -16.83 -9.48
C ASP B 274 28.65 -17.76 -8.40
N ASP B 275 28.22 -17.20 -7.26
CA ASP B 275 27.66 -18.06 -6.22
C ASP B 275 26.28 -18.57 -6.60
N ALA B 276 25.46 -17.71 -7.22
CA ALA B 276 24.12 -18.12 -7.61
C ALA B 276 24.16 -19.25 -8.64
N CYS B 277 25.09 -19.17 -9.61
CA CYS B 277 25.15 -20.18 -10.65
C CYS B 277 25.66 -21.49 -10.09
N LYS B 278 26.65 -21.42 -9.20
CA LYS B 278 27.10 -22.59 -8.45
C LYS B 278 25.91 -23.29 -7.80
N ARG B 279 25.02 -22.51 -7.17
CA ARG B 279 23.94 -23.08 -6.40
C ARG B 279 22.81 -23.59 -7.27
N ILE B 280 22.56 -22.96 -8.41
CA ILE B 280 21.62 -23.52 -9.38
C ILE B 280 22.07 -24.92 -9.80
N ASN B 281 23.37 -25.05 -10.08
CA ASN B 281 23.93 -26.31 -10.54
C ASN B 281 23.91 -27.37 -9.45
N ALA B 282 24.22 -26.98 -8.21
CA ALA B 282 24.05 -27.88 -7.07
C ALA B 282 22.62 -28.35 -6.94
N PHE B 283 21.66 -27.59 -7.46
CA PHE B 283 20.24 -27.87 -7.39
C PHE B 283 19.76 -28.83 -8.47
N ASP B 284 20.59 -29.14 -9.47
CA ASP B 284 20.16 -29.95 -10.62
C ASP B 284 18.96 -29.31 -11.30
N ALA B 285 19.08 -28.02 -11.58
CA ALA B 285 18.16 -27.40 -12.51
C ALA B 285 18.32 -28.09 -13.86
N GLU B 286 17.20 -28.45 -14.48
CA GLU B 286 17.21 -28.96 -15.85
C GLU B 286 17.06 -27.85 -16.88
N VAL B 287 16.34 -26.79 -16.52
CA VAL B 287 16.25 -25.56 -17.30
C VAL B 287 16.50 -24.40 -16.35
N VAL B 288 17.21 -23.39 -16.82
CA VAL B 288 17.34 -22.14 -16.07
C VAL B 288 16.64 -21.05 -16.86
N ILE B 289 15.78 -20.29 -16.17
CA ILE B 289 15.05 -19.16 -16.75
C ILE B 289 15.67 -17.90 -16.20
N VAL B 290 16.23 -17.06 -17.07
CA VAL B 290 16.86 -15.83 -16.64
C VAL B 290 15.87 -14.68 -16.80
N SER B 291 15.54 -14.05 -15.69
CA SER B 291 14.74 -12.83 -15.71
C SER B 291 15.71 -11.68 -15.98
N LEU B 292 15.80 -11.30 -17.26
CA LEU B 292 16.86 -10.42 -17.78
C LEU B 292 16.41 -8.96 -17.69
N GLY B 293 16.95 -8.24 -16.71
CA GLY B 293 16.88 -6.79 -16.66
C GLY B 293 18.27 -6.19 -16.84
N VAL B 294 18.33 -5.05 -17.52
CA VAL B 294 19.59 -4.36 -17.74
C VAL B 294 19.64 -3.02 -17.02
N ASP B 295 18.72 -2.79 -16.08
CA ASP B 295 18.75 -1.57 -15.27
C ASP B 295 19.81 -1.61 -14.17
N THR B 296 20.77 -2.52 -14.26
CA THR B 296 21.97 -2.51 -13.44
C THR B 296 23.04 -1.60 -14.03
N TYR B 297 22.84 -1.18 -15.29
CA TYR B 297 23.79 -0.36 -16.02
C TYR B 297 24.10 0.94 -15.28
N LYS B 298 25.36 1.37 -15.36
CA LYS B 298 25.77 2.57 -14.64
C LYS B 298 25.01 3.81 -15.13
N GLU B 299 24.74 3.87 -16.44
CA GLU B 299 24.10 5.03 -17.04
C GLU B 299 22.58 4.93 -17.02
N ASP B 300 22.01 3.86 -16.47
CA ASP B 300 20.56 3.74 -16.32
C ASP B 300 20.13 4.62 -15.16
N PRO B 301 19.12 5.48 -15.36
CA PRO B 301 18.74 6.46 -14.33
C PRO B 301 18.22 5.83 -13.05
N ILE B 302 17.75 4.59 -13.09
CA ILE B 302 17.21 3.95 -11.90
C ILE B 302 18.29 3.18 -11.14
N SER B 303 19.44 2.91 -11.76
CA SER B 303 20.42 2.02 -11.17
C SER B 303 21.22 2.70 -10.06
N GLN B 304 21.56 1.94 -9.04
CA GLN B 304 22.59 2.34 -8.09
C GLN B 304 23.76 1.35 -8.12
N PHE B 305 23.83 0.55 -9.19
CA PHE B 305 25.01 -0.25 -9.47
C PHE B 305 25.83 0.43 -10.55
N LYS B 306 27.09 0.01 -10.70
CA LYS B 306 27.97 0.57 -11.72
C LYS B 306 28.46 -0.51 -12.68
N LEU B 307 27.54 -1.18 -13.36
CA LEU B 307 27.94 -2.18 -14.34
C LEU B 307 28.25 -1.50 -15.68
N ASP B 308 29.20 -2.06 -16.40
CA ASP B 308 29.62 -1.50 -17.67
C ASP B 308 29.12 -2.38 -18.80
N SER B 309 29.03 -1.80 -20.00
CA SER B 309 28.64 -2.57 -21.18
C SER B 309 29.38 -3.89 -21.33
N PRO B 310 30.71 -3.96 -21.23
CA PRO B 310 31.40 -5.26 -21.35
C PRO B 310 31.03 -6.25 -20.24
N ASP B 311 30.55 -5.77 -19.10
CA ASP B 311 30.18 -6.65 -18.00
C ASP B 311 29.05 -7.61 -18.38
N TYR B 312 28.18 -7.20 -19.32
CA TYR B 312 27.07 -8.05 -19.69
C TYR B 312 27.53 -9.21 -20.55
N LEU B 313 28.64 -9.03 -21.27
CA LEU B 313 29.27 -10.16 -21.93
C LEU B 313 29.74 -11.18 -20.90
N SER B 314 30.51 -10.74 -19.91
CA SER B 314 30.97 -11.67 -18.88
C SER B 314 29.78 -12.37 -18.21
N MET B 315 28.71 -11.63 -17.96
CA MET B 315 27.48 -12.21 -17.43
C MET B 315 26.98 -13.35 -18.31
N GLY B 316 26.90 -13.14 -19.63
CA GLY B 316 26.39 -14.17 -20.51
C GLY B 316 27.23 -15.43 -20.50
N GLU B 317 28.55 -15.26 -20.51
CA GLU B 317 29.45 -16.41 -20.49
C GLU B 317 29.29 -17.22 -19.20
N ARG B 318 29.03 -16.55 -18.08
CA ARG B 318 28.98 -17.24 -16.80
C ARG B 318 27.71 -18.07 -16.70
N ILE B 319 26.60 -17.53 -17.18
CA ILE B 319 25.35 -18.29 -17.29
C ILE B 319 25.54 -19.46 -18.24
N ALA B 320 26.16 -19.22 -19.40
CA ALA B 320 26.41 -20.31 -20.33
C ALA B 320 27.35 -21.34 -19.73
N ALA B 321 28.23 -20.90 -18.83
CA ALA B 321 29.13 -21.84 -18.17
C ALA B 321 28.36 -22.90 -17.40
N MET B 322 27.14 -22.59 -16.97
CA MET B 322 26.32 -23.49 -16.17
C MET B 322 25.94 -24.75 -16.93
N GLY B 323 26.01 -24.72 -18.26
CA GLY B 323 25.78 -25.88 -19.07
C GLY B 323 24.33 -26.20 -19.30
N LEU B 324 23.44 -25.29 -18.99
CA LEU B 324 22.05 -25.65 -19.00
C LEU B 324 21.29 -25.01 -20.15
N PRO B 325 20.24 -25.66 -20.66
CA PRO B 325 19.29 -24.95 -21.53
C PRO B 325 18.72 -23.76 -20.77
N THR B 326 18.61 -22.63 -21.47
CA THR B 326 18.47 -21.32 -20.82
C THR B 326 17.46 -20.49 -21.58
N LEU B 327 16.42 -20.02 -20.88
CA LEU B 327 15.43 -19.12 -21.46
C LEU B 327 15.64 -17.73 -20.87
N PHE B 328 15.85 -16.74 -21.75
CA PHE B 328 16.03 -15.35 -21.37
C PHE B 328 14.70 -14.58 -21.52
N VAL B 329 14.26 -13.94 -20.42
CA VAL B 329 13.01 -13.20 -20.36
C VAL B 329 13.33 -11.75 -20.04
N MET B 330 12.99 -10.84 -20.95
CA MET B 330 13.18 -9.40 -20.72
C MET B 330 12.44 -8.95 -19.45
N GLU B 331 13.12 -8.13 -18.64
CA GLU B 331 12.44 -7.40 -17.56
C GLU B 331 12.76 -5.90 -17.70
N GLY B 332 13.34 -5.31 -16.66
CA GLY B 332 13.61 -3.89 -16.64
C GLY B 332 14.82 -3.47 -17.46
N GLY B 333 15.02 -2.16 -17.49
CA GLY B 333 16.01 -1.53 -18.33
C GLY B 333 15.40 -0.31 -19.02
N TYR B 334 15.63 0.87 -18.44
CA TYR B 334 15.17 2.10 -19.05
C TYR B 334 15.68 2.22 -20.49
N ALA B 335 14.93 2.95 -21.32
CA ALA B 335 15.22 3.03 -22.74
C ALA B 335 16.39 3.98 -23.07
N VAL B 336 17.53 3.75 -22.43
CA VAL B 336 18.76 4.50 -22.72
C VAL B 336 19.30 4.08 -24.07
N GLU B 337 20.35 4.77 -24.51
CA GLU B 337 20.95 4.46 -25.81
C GLU B 337 21.44 3.03 -25.86
N ALA B 338 22.10 2.59 -24.79
CA ALA B 338 22.84 1.34 -24.77
C ALA B 338 22.01 0.13 -24.35
N ILE B 339 20.70 0.28 -24.18
CA ILE B 339 19.89 -0.85 -23.68
C ILE B 339 19.99 -2.05 -24.62
N GLY B 340 19.91 -1.81 -25.94
CA GLY B 340 20.06 -2.89 -26.89
C GLY B 340 21.45 -3.51 -26.83
N VAL B 341 22.47 -2.68 -26.67
CA VAL B 341 23.85 -3.16 -26.59
C VAL B 341 24.04 -4.06 -25.38
N ASN B 342 23.62 -3.57 -24.20
CA ASN B 342 23.76 -4.32 -22.97
C ASN B 342 23.00 -5.65 -23.03
N ALA B 343 21.70 -5.58 -23.33
CA ALA B 343 20.88 -6.79 -23.31
C ALA B 343 21.42 -7.85 -24.25
N VAL B 344 21.78 -7.44 -25.48
CA VAL B 344 22.25 -8.38 -26.48
C VAL B 344 23.66 -8.87 -26.15
N ASN B 345 24.39 -8.14 -25.31
CA ASN B 345 25.71 -8.62 -24.88
C ASN B 345 25.59 -9.89 -24.03
N VAL B 346 24.56 -9.96 -23.17
CA VAL B 346 24.33 -11.16 -22.40
C VAL B 346 24.06 -12.34 -23.32
N LEU B 347 23.29 -12.12 -24.38
CA LEU B 347 23.01 -13.20 -25.32
C LEU B 347 24.25 -13.53 -26.15
N GLU B 348 25.01 -12.50 -26.57
CA GLU B 348 26.24 -12.75 -27.30
C GLU B 348 27.21 -13.56 -26.46
N GLY B 349 27.48 -13.09 -25.24
CA GLY B 349 28.37 -13.80 -24.35
C GLY B 349 27.87 -15.19 -24.00
N PHE B 350 26.54 -15.36 -23.88
CA PHE B 350 26.01 -16.71 -23.74
C PHE B 350 26.41 -17.58 -24.94
N GLU B 351 26.27 -17.03 -26.16
CA GLU B 351 26.52 -17.80 -27.37
C GLU B 351 28.01 -17.98 -27.66
N ASN B 352 28.86 -17.18 -26.99
CA ASN B 352 30.32 -17.30 -27.04
C ASN B 352 30.84 -18.56 -26.34
N VAL B 353 30.01 -19.24 -25.57
CA VAL B 353 30.47 -20.33 -24.74
C VAL B 353 29.82 -21.62 -25.19
C1 PGE C . 5.67 -12.19 3.46
O1 PGE C . 4.46 -12.73 3.97
C2 PGE C . 6.49 -13.21 2.70
O2 PGE C . 7.27 -13.99 3.60
C3 PGE C . 8.40 -13.30 4.11
C4 PGE C . 9.09 -14.13 5.15
O4 PGE C . 11.59 -10.46 5.17
C6 PGE C . 11.44 -11.46 6.17
C5 PGE C . 10.13 -12.19 6.08
O3 PGE C . 10.30 -13.50 5.54
K K D . -17.12 6.58 11.45
K K E . -2.97 14.25 12.05
K K F . -11.20 -1.87 22.15
ZN ZN G . -14.17 11.22 6.77
CL CL H . -11.64 11.98 7.14
C ACT I . 11.53 -3.68 -13.39
O ACT I . 12.16 -4.20 -12.43
OXT ACT I . 11.90 -2.71 -14.13
CH3 ACT I . 10.14 -4.30 -13.74
C1 PEG J . -9.03 -8.49 11.99
O1 PEG J . -10.21 -8.76 11.24
C2 PEG J . -8.55 -7.07 11.77
O2 PEG J . -7.23 -6.93 12.30
C3 PEG J . -6.23 -6.82 11.30
C4 PEG J . -5.44 -8.10 11.23
O4 PEG J . -4.35 -7.97 10.34
K K K . 17.00 -9.17 -9.45
K K L . 11.49 -21.71 -4.27
K K M . 12.02 -13.16 -11.67
ZN ZN N . 14.20 -3.42 -12.62
#